data_7OH0
#
_entry.id   7OH0
#
_cell.length_a   1.00
_cell.length_b   1.00
_cell.length_c   1.00
_cell.angle_alpha   90.00
_cell.angle_beta   90.00
_cell.angle_gamma   90.00
#
_symmetry.space_group_name_H-M   'P 1'
#
loop_
_entity.id
_entity.type
_entity.pdbx_description
1 polymer 'Tetanus toxin'
2 polymer 'Fab TT104'
3 polymer 'Fab TT104'
#
loop_
_entity_poly.entity_id
_entity_poly.type
_entity_poly.pdbx_seq_one_letter_code
_entity_poly.pdbx_strand_id
1 'polypeptide(L)'
;EDIDVILKKSTILNLDINNDIISDISGFNSSVITYPDAQLVPGINGKAIHLVNNESSEVIVHKAMDIEYNDMFNNFTVSF
WLRVPKVSASHLEQYGTNEYSIISSMKKHSLSIGSGWSVSLKGNNLIWTLKDSAGEVRQITFRDLPDKFNAYLANKWVFI
TITNDRLSSANLYINGVLMGSAEITGLGAIREDNNITLKLDRCNNNNQYVSIDKFRIFCKALNPKEIEKLYTSYLSITFL
RDFWGNPLRYDTEYYLIPVASSSKDVQLKNITDYMYLTNAPSYTNGKLNIYYRRLYNGLKFIIKRYTPNNEIDSFVKSGD
FIKLYVSYNNNEHIVGYPKDGNAFNNLDRILRVGYNAPGIPLYKKMEAVKLRDLKTYSVQLKLYDDKNASLGLVGTHNGQ
IGNDPNRDILIASNWYFNHLKDKILGCDWYFVPTDEGWTND
;
A
2 'polypeptide(L)'
;QLQLQESGPGLVRPSETLSLTCSVSDDSMGSSTYYWAWIRQPPGKGLEWIGNVYYNGVTYYNSSLESRLTLSIDPSKNQF
SLILSSVTAADTAVYYCARQADNWFDPWGQGTLVTVSSASTKGPSVFPLAPSSKSTSGGTAALGCLVKDYFPEPVTVSWN
SGALTSGVHTFPAVLQSSGLYSLSSVVTVPSSSLGTQTYICNVNHKPSNTKVDKRVEPKSC
;
C
3 'polypeptide(L)'
;IMMTQSPATLSVSPGERATLSCRASQSVGSDLAWYQQKPGQAPRLLIYGASYRATGIPARFSGGGSGTEFTLTISSMQSE
DFAVYYCQQYYNWPPYTFGQGTKVEIKRTVAAPSVFIFPPSDEQLKSGTASVVCLLNNFYPREAKVQWKVDNALQSGNSQ
ESVTEQDSKDSTYSLSSTLTLSKADYEKHKVYACEVTHQGLSSPVTKSFNRGEC
;
B
#
# COMPACT_ATOMS: atom_id res chain seq x y z
N GLU A 1 -10.57 -1.63 55.32
CA GLU A 1 -11.14 -0.86 54.23
C GLU A 1 -10.05 -0.34 53.30
N ASP A 2 -8.99 -1.13 53.13
CA ASP A 2 -7.93 -0.78 52.20
C ASP A 2 -8.03 -1.63 50.94
N ILE A 3 -7.37 -1.16 49.87
CA ILE A 3 -7.51 -1.79 48.56
C ILE A 3 -7.14 -3.26 48.63
N ASP A 4 -5.90 -3.56 49.01
CA ASP A 4 -5.43 -4.95 48.94
C ASP A 4 -6.09 -5.82 49.99
N VAL A 5 -6.45 -5.27 51.15
CA VAL A 5 -7.07 -6.09 52.18
C VAL A 5 -8.47 -6.50 51.74
N ILE A 6 -9.26 -5.57 51.19
CA ILE A 6 -10.56 -5.97 50.66
C ILE A 6 -10.39 -6.89 49.45
N LEU A 7 -9.33 -6.66 48.66
CA LEU A 7 -9.05 -7.49 47.50
C LEU A 7 -8.89 -8.96 47.90
N LYS A 8 -8.00 -9.22 48.86
CA LYS A 8 -7.79 -10.58 49.33
C LYS A 8 -8.86 -11.04 50.30
N LYS A 9 -9.76 -10.16 50.74
CA LYS A 9 -10.87 -10.56 51.58
C LYS A 9 -12.07 -11.03 50.77
N SER A 10 -12.25 -10.53 49.55
CA SER A 10 -13.43 -10.86 48.78
C SER A 10 -13.21 -11.98 47.77
N THR A 11 -11.97 -12.37 47.49
CA THR A 11 -11.72 -13.46 46.56
C THR A 11 -12.22 -14.77 47.13
N ILE A 12 -13.01 -15.50 46.33
CA ILE A 12 -13.56 -16.78 46.73
C ILE A 12 -13.21 -17.91 45.77
N LEU A 13 -12.35 -17.66 44.79
CA LEU A 13 -11.70 -18.73 44.04
C LEU A 13 -10.53 -18.13 43.29
N ASN A 14 -9.47 -18.92 43.12
CA ASN A 14 -8.28 -18.47 42.42
C ASN A 14 -7.74 -19.67 41.64
N LEU A 15 -8.11 -19.72 40.35
CA LEU A 15 -7.50 -20.71 39.48
C LEU A 15 -6.13 -20.23 39.02
N ASP A 16 -5.09 -20.93 39.45
CA ASP A 16 -3.73 -20.46 39.21
C ASP A 16 -2.81 -21.65 38.95
N ILE A 17 -1.95 -21.51 37.96
CA ILE A 17 -0.90 -22.49 37.71
C ILE A 17 0.16 -22.38 38.79
N ASN A 18 0.51 -23.52 39.41
CA ASN A 18 1.60 -23.59 40.38
C ASN A 18 2.34 -24.91 40.19
N ASN A 19 3.45 -24.86 39.44
CA ASN A 19 4.31 -26.00 39.18
C ASN A 19 3.53 -27.11 38.48
N ASP A 20 3.08 -26.79 37.27
CA ASP A 20 2.38 -27.69 36.35
C ASP A 20 1.11 -28.28 36.96
N ILE A 21 0.54 -27.65 37.98
CA ILE A 21 -0.70 -28.09 38.61
C ILE A 21 -1.63 -26.89 38.70
N ILE A 22 -2.91 -27.13 38.53
CA ILE A 22 -3.91 -26.08 38.73
C ILE A 22 -4.60 -26.31 40.07
N SER A 23 -4.77 -25.23 40.83
CA SER A 23 -5.27 -25.38 42.18
C SER A 23 -5.85 -24.05 42.65
N ASP A 24 -6.79 -24.14 43.59
CA ASP A 24 -7.37 -22.94 44.18
C ASP A 24 -6.60 -22.53 45.43
N ILE A 25 -6.26 -21.24 45.50
CA ILE A 25 -5.55 -20.70 46.65
C ILE A 25 -6.39 -19.68 47.41
N SER A 26 -7.71 -19.76 47.28
CA SER A 26 -8.61 -18.84 47.96
C SER A 26 -9.07 -19.37 49.31
N GLY A 27 -8.29 -20.24 49.95
CA GLY A 27 -8.71 -20.80 51.22
C GLY A 27 -9.77 -21.86 51.06
N PHE A 28 -10.84 -21.55 50.33
CA PHE A 28 -11.84 -22.54 49.99
C PHE A 28 -11.36 -23.39 48.83
N ASN A 29 -10.30 -24.17 49.05
CA ASN A 29 -9.74 -24.98 47.98
C ASN A 29 -10.74 -26.03 47.50
N SER A 30 -11.31 -25.80 46.32
CA SER A 30 -12.32 -26.70 45.77
C SER A 30 -11.68 -27.60 44.72
N SER A 31 -12.43 -28.57 44.21
CA SER A 31 -11.89 -29.52 43.24
C SER A 31 -11.40 -28.80 42.00
N VAL A 32 -10.23 -29.19 41.53
CA VAL A 32 -9.67 -28.70 40.28
C VAL A 32 -9.46 -29.92 39.39
N ILE A 33 -10.47 -30.28 38.60
CA ILE A 33 -10.33 -31.40 37.69
C ILE A 33 -9.50 -30.98 36.48
N THR A 34 -8.82 -31.94 35.87
CA THR A 34 -8.01 -31.69 34.69
C THR A 34 -8.02 -32.94 33.83
N TYR A 35 -7.76 -32.79 32.54
CA TYR A 35 -7.83 -33.91 31.62
C TYR A 35 -6.57 -33.97 30.78
N PRO A 36 -6.24 -35.15 30.23
CA PRO A 36 -4.91 -35.33 29.61
C PRO A 36 -4.54 -34.26 28.59
N ASP A 37 -5.51 -33.62 27.95
CA ASP A 37 -5.21 -32.60 26.97
C ASP A 37 -5.68 -31.22 27.41
N ALA A 38 -5.52 -30.88 28.69
CA ALA A 38 -5.68 -29.51 29.17
C ALA A 38 -4.29 -28.91 29.23
N GLN A 39 -3.74 -28.62 28.05
CA GLN A 39 -2.37 -28.13 27.92
C GLN A 39 -2.22 -26.80 28.66
N LEU A 40 -0.97 -26.37 28.84
CA LEU A 40 -0.70 -25.06 29.43
C LEU A 40 0.44 -24.40 28.68
N VAL A 41 0.23 -23.14 28.31
CA VAL A 41 1.12 -22.39 27.43
C VAL A 41 1.94 -21.42 28.26
N PRO A 42 2.97 -20.76 27.69
CA PRO A 42 3.77 -19.81 28.48
C PRO A 42 2.93 -18.78 29.21
N GLY A 43 3.30 -18.51 30.47
CA GLY A 43 2.59 -17.56 31.30
C GLY A 43 3.46 -16.41 31.76
N ILE A 44 2.84 -15.28 32.10
CA ILE A 44 3.55 -14.05 32.46
C ILE A 44 4.58 -14.31 33.53
N ASN A 45 4.14 -14.84 34.66
CA ASN A 45 5.01 -15.30 35.74
C ASN A 45 4.61 -16.76 35.98
N GLY A 46 5.17 -17.66 35.19
CA GLY A 46 4.82 -19.06 35.29
C GLY A 46 4.31 -19.63 33.98
N LYS A 47 3.15 -20.28 34.03
CA LYS A 47 2.59 -20.93 32.86
C LYS A 47 1.20 -20.34 32.61
N ALA A 48 0.59 -20.74 31.51
CA ALA A 48 -0.72 -20.21 31.13
C ALA A 48 -1.63 -21.37 30.69
N ILE A 49 -2.77 -21.50 31.36
CA ILE A 49 -3.78 -22.51 31.04
C ILE A 49 -4.20 -22.33 29.58
N HIS A 50 -4.63 -23.43 28.96
CA HIS A 50 -5.05 -23.40 27.56
C HIS A 50 -6.36 -24.16 27.43
N LEU A 51 -6.97 -24.06 26.26
CA LEU A 51 -8.14 -24.85 25.91
C LEU A 51 -8.09 -25.19 24.43
N VAL A 52 -8.68 -26.31 24.05
CA VAL A 52 -8.77 -26.72 22.65
C VAL A 52 -10.19 -27.20 22.38
N ASN A 53 -10.66 -26.93 21.16
CA ASN A 53 -12.04 -27.21 20.79
C ASN A 53 -12.26 -28.70 20.55
N ASN A 54 -12.50 -29.42 21.65
CA ASN A 54 -13.02 -30.78 21.65
C ASN A 54 -13.37 -31.12 23.08
N GLU A 55 -13.74 -32.37 23.33
CA GLU A 55 -14.14 -32.81 24.67
C GLU A 55 -12.94 -33.20 25.54
N SER A 56 -11.74 -32.76 25.15
CA SER A 56 -10.55 -33.10 25.93
C SER A 56 -10.38 -32.16 27.13
N SER A 57 -10.22 -30.86 26.86
CA SER A 57 -9.78 -29.92 27.89
C SER A 57 -10.97 -29.31 28.62
N GLU A 58 -11.47 -30.07 29.59
CA GLU A 58 -12.39 -29.54 30.59
C GLU A 58 -11.61 -29.27 31.86
N VAL A 59 -11.74 -28.08 32.42
CA VAL A 59 -11.24 -27.86 33.78
C VAL A 59 -12.39 -27.33 34.62
N ILE A 60 -13.09 -28.25 35.28
CA ILE A 60 -14.30 -27.93 36.03
C ILE A 60 -13.91 -27.80 37.51
N VAL A 61 -14.74 -27.08 38.25
CA VAL A 61 -14.48 -26.86 39.66
C VAL A 61 -15.70 -27.19 40.49
N HIS A 62 -15.75 -28.41 41.03
CA HIS A 62 -16.74 -28.72 42.03
C HIS A 62 -16.45 -27.92 43.30
N LYS A 63 -17.26 -26.89 43.54
CA LYS A 63 -16.96 -25.93 44.59
C LYS A 63 -17.43 -26.45 45.95
N ALA A 64 -17.07 -25.75 47.02
CA ALA A 64 -17.41 -26.16 48.39
C ALA A 64 -18.91 -26.03 48.63
N MET A 65 -19.42 -26.87 49.53
CA MET A 65 -20.84 -26.92 49.83
C MET A 65 -21.35 -25.59 50.39
N ASP A 66 -20.59 -25.00 51.32
CA ASP A 66 -21.02 -23.75 51.94
C ASP A 66 -21.15 -22.62 50.93
N ILE A 67 -20.25 -22.57 49.94
CA ILE A 67 -20.25 -21.48 48.97
C ILE A 67 -20.94 -21.85 47.67
N GLU A 68 -21.50 -23.06 47.58
CA GLU A 68 -22.27 -23.43 46.39
C GLU A 68 -23.38 -22.42 46.11
N TYR A 69 -24.03 -21.92 47.17
CA TYR A 69 -25.11 -20.95 47.04
C TYR A 69 -24.63 -19.51 46.95
N ASN A 70 -23.34 -19.29 46.64
CA ASN A 70 -22.76 -17.95 46.61
C ASN A 70 -23.53 -16.97 45.74
N ASP A 71 -24.07 -17.42 44.62
CA ASP A 71 -24.75 -16.53 43.72
C ASP A 71 -26.25 -16.49 43.91
N MET A 72 -26.78 -16.69 45.12
CA MET A 72 -28.24 -16.64 45.29
C MET A 72 -28.74 -15.20 45.30
N PHE A 73 -28.12 -14.35 46.12
CA PHE A 73 -28.49 -12.93 46.17
C PHE A 73 -27.26 -12.04 46.30
N ASN A 74 -26.13 -12.43 45.72
CA ASN A 74 -24.89 -11.68 45.88
C ASN A 74 -24.34 -11.23 44.53
N ASN A 75 -23.65 -10.10 44.56
CA ASN A 75 -22.97 -9.55 43.39
C ASN A 75 -21.55 -10.06 43.39
N PHE A 76 -20.91 -10.08 42.23
CA PHE A 76 -19.61 -10.70 42.08
C PHE A 76 -19.01 -10.24 40.76
N THR A 77 -17.90 -10.86 40.38
CA THR A 77 -17.17 -10.50 39.17
C THR A 77 -16.18 -11.61 38.86
N VAL A 78 -15.84 -11.73 37.58
CA VAL A 78 -14.79 -12.63 37.12
C VAL A 78 -13.62 -11.77 36.66
N SER A 79 -12.42 -12.33 36.71
CA SER A 79 -11.26 -11.64 36.16
C SER A 79 -10.21 -12.66 35.80
N PHE A 80 -9.47 -12.38 34.72
CA PHE A 80 -8.45 -13.29 34.21
C PHE A 80 -7.70 -12.60 33.09
N TRP A 81 -6.42 -12.93 32.96
CA TRP A 81 -5.70 -12.67 31.72
C TRP A 81 -6.43 -13.38 30.59
N LEU A 82 -6.64 -12.73 29.46
CA LEU A 82 -7.26 -13.38 28.31
C LEU A 82 -6.53 -13.00 27.02
N ARG A 83 -6.68 -13.85 26.01
CA ARG A 83 -6.24 -13.60 24.65
C ARG A 83 -6.85 -14.68 23.78
N VAL A 84 -7.35 -14.31 22.61
CA VAL A 84 -7.82 -15.30 21.65
C VAL A 84 -7.08 -15.05 20.35
N PRO A 85 -6.87 -16.07 19.52
CA PRO A 85 -6.18 -15.86 18.24
C PRO A 85 -6.92 -14.86 17.39
N LYS A 86 -6.21 -14.32 16.40
CA LYS A 86 -6.81 -13.36 15.48
C LYS A 86 -7.68 -14.12 14.49
N VAL A 87 -8.99 -14.00 14.63
CA VAL A 87 -9.88 -14.69 13.73
C VAL A 87 -9.65 -14.14 12.32
N SER A 88 -9.15 -14.97 11.43
CA SER A 88 -8.84 -14.53 10.08
C SER A 88 -10.10 -14.14 9.34
N ALA A 89 -9.93 -13.57 8.15
CA ALA A 89 -11.09 -13.20 7.35
C ALA A 89 -11.87 -14.44 6.91
N SER A 90 -11.16 -15.47 6.46
CA SER A 90 -11.81 -16.68 5.98
C SER A 90 -12.59 -17.38 7.09
N HIS A 91 -11.90 -17.75 8.17
CA HIS A 91 -12.56 -18.33 9.33
C HIS A 91 -13.66 -17.42 9.85
N LEU A 92 -13.48 -16.10 9.70
CA LEU A 92 -14.49 -15.16 10.16
C LEU A 92 -15.78 -15.31 9.37
N GLU A 93 -15.72 -15.21 8.05
CA GLU A 93 -16.92 -15.42 7.26
C GLU A 93 -17.45 -16.84 7.44
N GLN A 94 -16.57 -17.76 7.83
CA GLN A 94 -17.00 -19.14 8.05
C GLN A 94 -17.84 -19.28 9.31
N TYR A 95 -17.46 -18.58 10.38
CA TYR A 95 -17.97 -18.85 11.71
C TYR A 95 -18.45 -17.59 12.39
N GLY A 96 -18.90 -16.63 11.60
CA GLY A 96 -19.34 -15.35 12.15
C GLY A 96 -20.70 -15.39 12.81
N THR A 97 -21.15 -16.58 13.18
CA THR A 97 -22.44 -16.75 13.83
C THR A 97 -22.35 -17.65 15.06
N ASN A 98 -21.28 -18.43 15.18
CA ASN A 98 -21.11 -19.39 16.25
C ASN A 98 -21.02 -18.66 17.59
N GLU A 99 -21.76 -19.14 18.58
CA GLU A 99 -21.78 -18.55 19.92
C GLU A 99 -21.49 -19.65 20.94
N TYR A 100 -20.21 -19.85 21.26
CA TYR A 100 -19.80 -20.87 22.21
C TYR A 100 -19.58 -20.21 23.57
N SER A 101 -20.03 -20.88 24.62
CA SER A 101 -19.89 -20.37 25.98
C SER A 101 -18.61 -20.94 26.61
N ILE A 102 -17.62 -20.08 26.83
CA ILE A 102 -16.36 -20.50 27.44
C ILE A 102 -16.60 -20.83 28.90
N ILE A 103 -17.05 -19.84 29.65
CA ILE A 103 -17.32 -20.04 31.07
C ILE A 103 -18.82 -19.98 31.28
N SER A 104 -19.36 -20.95 32.01
CA SER A 104 -20.80 -21.03 32.20
C SER A 104 -21.15 -21.89 33.40
N SER A 105 -22.44 -21.98 33.67
CA SER A 105 -23.01 -22.89 34.65
C SER A 105 -24.15 -23.66 34.00
N MET A 106 -23.89 -24.17 32.80
CA MET A 106 -24.87 -24.88 31.99
C MET A 106 -25.06 -26.30 32.52
N LYS A 107 -25.86 -27.07 31.78
CA LYS A 107 -26.03 -28.49 32.06
C LYS A 107 -26.34 -29.24 30.77
N GLY A 114 -27.55 -25.62 34.84
CA GLY A 114 -28.15 -25.31 33.55
C GLY A 114 -28.78 -23.92 33.50
N SER A 115 -28.14 -22.97 34.17
CA SER A 115 -28.65 -21.61 34.27
C SER A 115 -27.59 -20.75 34.93
N GLY A 116 -27.91 -19.46 35.08
CA GLY A 116 -27.02 -18.54 35.77
C GLY A 116 -26.04 -17.83 34.87
N TRP A 117 -25.06 -17.16 35.47
CA TRP A 117 -24.09 -16.35 34.73
C TRP A 117 -23.34 -17.24 33.75
N SER A 118 -23.10 -16.72 32.56
CA SER A 118 -22.41 -17.51 31.54
C SER A 118 -21.70 -16.62 30.53
N VAL A 119 -20.39 -16.49 30.66
CA VAL A 119 -19.59 -15.77 29.71
C VAL A 119 -19.67 -16.47 28.36
N SER A 120 -19.60 -15.71 27.28
CA SER A 120 -19.68 -16.27 25.95
C SER A 120 -18.88 -15.42 24.97
N LEU A 121 -18.23 -16.10 24.04
CA LEU A 121 -17.45 -15.47 22.98
C LEU A 121 -18.04 -15.89 21.65
N LYS A 122 -18.35 -14.92 20.80
CA LYS A 122 -19.05 -15.18 19.55
C LYS A 122 -18.57 -14.19 18.49
N GLY A 123 -18.01 -14.72 17.41
CA GLY A 123 -17.45 -13.89 16.36
C GLY A 123 -16.30 -13.04 16.85
N ASN A 124 -16.55 -11.76 17.02
CA ASN A 124 -15.63 -10.81 17.64
C ASN A 124 -16.30 -10.10 18.79
N ASN A 125 -16.99 -10.86 19.64
CA ASN A 125 -17.72 -10.26 20.73
C ASN A 125 -17.56 -11.11 21.99
N LEU A 126 -17.51 -10.42 23.12
CA LEU A 126 -17.66 -11.04 24.42
C LEU A 126 -19.03 -10.67 24.93
N ILE A 127 -19.70 -11.59 25.60
CA ILE A 127 -21.06 -11.28 26.04
C ILE A 127 -21.42 -12.03 27.31
N TRP A 128 -21.83 -11.27 28.32
CA TRP A 128 -22.45 -11.88 29.48
C TRP A 128 -23.83 -12.39 29.11
N THR A 129 -24.17 -13.57 29.65
CA THR A 129 -25.47 -14.17 29.43
C THR A 129 -25.95 -14.75 30.75
N LEU A 130 -27.02 -14.19 31.30
CA LEU A 130 -27.54 -14.64 32.58
C LEU A 130 -28.89 -15.32 32.40
N LYS A 131 -28.99 -16.53 32.97
CA LYS A 131 -30.19 -17.36 32.85
C LYS A 131 -30.79 -17.50 34.24
N ASP A 132 -31.86 -16.76 34.52
CA ASP A 132 -32.46 -16.74 35.85
C ASP A 132 -33.66 -17.69 35.89
N SER A 133 -34.43 -17.64 36.97
CA SER A 133 -35.50 -18.60 37.19
C SER A 133 -36.70 -18.31 36.31
N ALA A 134 -37.27 -17.10 36.42
CA ALA A 134 -38.53 -16.77 35.80
C ALA A 134 -38.43 -16.59 34.29
N GLY A 135 -37.29 -16.91 33.69
CA GLY A 135 -37.13 -16.85 32.26
C GLY A 135 -36.48 -15.59 31.72
N GLU A 136 -36.47 -14.51 32.50
CA GLU A 136 -35.86 -13.27 32.04
C GLU A 136 -34.37 -13.47 31.83
N VAL A 137 -33.80 -12.62 30.98
CA VAL A 137 -32.42 -12.73 30.55
C VAL A 137 -31.94 -11.35 30.14
N ARG A 138 -30.71 -11.03 30.49
CA ARG A 138 -30.07 -9.82 30.02
C ARG A 138 -28.73 -10.17 29.41
N GLN A 139 -28.36 -9.42 28.37
CA GLN A 139 -27.09 -9.61 27.70
C GLN A 139 -26.39 -8.26 27.67
N ILE A 140 -25.08 -8.28 27.77
CA ILE A 140 -24.29 -7.06 27.68
C ILE A 140 -23.24 -7.33 26.61
N THR A 141 -23.59 -7.06 25.36
CA THR A 141 -22.62 -7.25 24.30
C THR A 141 -21.51 -6.25 24.42
N PHE A 142 -20.35 -6.60 23.87
CA PHE A 142 -19.33 -5.64 23.52
C PHE A 142 -19.11 -5.77 22.02
N ARG A 143 -19.62 -4.82 21.26
CA ARG A 143 -19.23 -4.72 19.86
C ARG A 143 -17.71 -4.70 19.79
N ASP A 144 -17.15 -5.47 18.87
CA ASP A 144 -15.71 -5.61 18.74
C ASP A 144 -15.04 -4.24 18.69
N LEU A 145 -13.86 -4.16 19.28
CA LEU A 145 -13.05 -2.99 19.02
C LEU A 145 -12.55 -3.11 17.60
N PRO A 146 -13.07 -2.31 16.67
CA PRO A 146 -12.71 -2.48 15.26
C PRO A 146 -11.23 -2.29 14.98
N ASP A 147 -10.54 -1.45 15.75
CA ASP A 147 -9.10 -1.36 15.60
C ASP A 147 -8.47 -2.62 16.19
N LYS A 148 -8.24 -3.62 15.34
CA LYS A 148 -7.71 -4.90 15.79
C LYS A 148 -6.34 -4.75 16.44
N PHE A 149 -5.45 -3.99 15.80
CA PHE A 149 -4.06 -3.88 16.22
C PHE A 149 -3.91 -3.49 17.68
N ASN A 150 -4.96 -2.99 18.32
CA ASN A 150 -4.95 -2.80 19.77
C ASN A 150 -6.28 -3.23 20.37
N ALA A 151 -7.02 -4.06 19.66
CA ALA A 151 -8.35 -4.45 20.12
C ALA A 151 -8.24 -5.44 21.27
N TYR A 152 -9.40 -5.98 21.65
CA TYR A 152 -9.52 -6.78 22.86
C TYR A 152 -9.83 -8.25 22.56
N LEU A 153 -9.61 -8.70 21.34
CA LEU A 153 -9.63 -10.10 20.99
C LEU A 153 -8.50 -10.41 20.02
N ALA A 154 -7.47 -9.60 20.05
CA ALA A 154 -6.40 -9.66 19.08
C ALA A 154 -5.17 -10.39 19.56
N ASN A 155 -5.27 -11.43 20.38
CA ASN A 155 -4.12 -12.20 20.85
C ASN A 155 -3.27 -11.37 21.82
N LYS A 156 -3.68 -10.14 22.09
CA LYS A 156 -3.10 -9.38 23.18
C LYS A 156 -3.51 -10.03 24.50
N TRP A 157 -2.54 -10.24 25.38
CA TRP A 157 -2.85 -10.67 26.74
C TRP A 157 -3.59 -9.52 27.41
N VAL A 158 -4.86 -9.74 27.74
CA VAL A 158 -5.72 -8.67 28.20
C VAL A 158 -6.54 -9.18 29.39
N PHE A 159 -7.16 -8.26 30.10
CA PHE A 159 -8.02 -8.61 31.22
C PHE A 159 -9.47 -8.28 30.90
N ILE A 160 -10.37 -8.93 31.62
CA ILE A 160 -11.80 -8.67 31.57
C ILE A 160 -12.34 -8.82 32.97
N THR A 161 -13.34 -8.02 33.30
CA THR A 161 -14.09 -8.18 34.54
C THR A 161 -15.56 -7.92 34.24
N ILE A 162 -16.43 -8.69 34.88
CA ILE A 162 -17.88 -8.58 34.67
C ILE A 162 -18.50 -8.27 36.02
N THR A 163 -18.78 -7.00 36.26
CA THR A 163 -19.13 -6.50 37.59
C THR A 163 -20.62 -6.63 37.83
N ASN A 164 -21.07 -7.87 37.95
CA ASN A 164 -22.48 -8.15 38.17
C ASN A 164 -22.92 -7.46 39.46
N ASP A 165 -24.10 -6.86 39.42
CA ASP A 165 -24.79 -6.41 40.63
C ASP A 165 -26.27 -6.68 40.39
N ARG A 166 -26.92 -7.30 41.37
CA ARG A 166 -28.33 -7.64 41.20
C ARG A 166 -29.21 -6.40 41.18
N LEU A 167 -29.16 -5.59 42.23
CA LEU A 167 -29.98 -4.39 42.28
C LEU A 167 -29.32 -3.19 41.63
N SER A 168 -28.30 -3.39 40.81
CA SER A 168 -27.66 -2.30 40.09
C SER A 168 -27.12 -2.85 38.77
N SER A 169 -26.26 -2.08 38.12
CA SER A 169 -25.73 -2.42 36.81
C SER A 169 -24.62 -3.46 36.91
N ALA A 170 -24.43 -4.17 35.81
CA ALA A 170 -23.23 -4.98 35.61
C ALA A 170 -22.38 -4.33 34.54
N ASN A 171 -21.07 -4.35 34.73
CA ASN A 171 -20.17 -3.67 33.81
C ASN A 171 -19.06 -4.61 33.38
N LEU A 172 -18.50 -4.32 32.22
CA LEU A 172 -17.32 -5.01 31.70
C LEU A 172 -16.16 -4.04 31.81
N TYR A 173 -14.95 -4.56 32.01
CA TYR A 173 -13.77 -3.69 32.06
C TYR A 173 -12.62 -4.36 31.31
N ILE A 174 -12.10 -3.68 30.31
CA ILE A 174 -10.89 -4.08 29.61
C ILE A 174 -9.74 -3.25 30.16
N ASN A 175 -8.65 -3.92 30.53
CA ASN A 175 -7.48 -3.26 31.10
C ASN A 175 -7.88 -2.43 32.32
N GLY A 176 -9.07 -2.68 32.85
CA GLY A 176 -9.63 -1.84 33.90
C GLY A 176 -10.59 -0.79 33.37
N VAL A 177 -10.28 -0.25 32.20
CA VAL A 177 -11.09 0.80 31.59
C VAL A 177 -12.50 0.25 31.32
N LEU A 178 -13.50 1.12 31.37
CA LEU A 178 -14.84 0.74 30.94
C LEU A 178 -14.92 0.69 29.42
N MET A 179 -15.64 -0.30 28.90
CA MET A 179 -15.84 -0.43 27.46
C MET A 179 -17.26 -0.83 27.08
N GLY A 180 -18.17 -0.96 28.05
CA GLY A 180 -19.53 -1.35 27.76
C GLY A 180 -20.22 -1.81 29.02
N SER A 181 -21.54 -1.68 29.01
CA SER A 181 -22.33 -2.01 30.19
C SER A 181 -23.80 -1.98 29.83
N ALA A 182 -24.61 -2.50 30.75
CA ALA A 182 -26.07 -2.50 30.62
C ALA A 182 -26.66 -2.92 31.96
N GLU A 183 -27.90 -2.54 32.20
CA GLU A 183 -28.48 -2.80 33.51
C GLU A 183 -28.92 -4.24 33.62
N ILE A 184 -29.26 -4.65 34.84
CA ILE A 184 -29.64 -6.03 35.11
C ILE A 184 -30.97 -6.17 35.86
N THR A 185 -31.47 -5.12 36.52
CA THR A 185 -32.48 -5.30 37.55
C THR A 185 -33.76 -5.93 37.01
N GLY A 186 -34.62 -6.34 37.94
CA GLY A 186 -35.87 -6.99 37.59
C GLY A 186 -35.70 -8.48 37.40
N LEU A 187 -35.18 -9.17 38.42
CA LEU A 187 -34.82 -10.57 38.31
C LEU A 187 -35.51 -11.33 39.44
N GLY A 188 -35.11 -12.60 39.60
CA GLY A 188 -35.59 -13.42 40.70
C GLY A 188 -34.50 -14.32 41.25
N ALA A 189 -34.83 -15.13 42.25
CA ALA A 189 -33.86 -16.01 42.87
C ALA A 189 -33.46 -17.13 41.92
N ILE A 190 -32.16 -17.41 41.87
CA ILE A 190 -31.63 -18.45 41.00
C ILE A 190 -31.13 -19.61 41.84
N ARG A 191 -31.58 -20.81 41.47
CA ARG A 191 -31.01 -22.04 42.03
C ARG A 191 -29.91 -22.56 41.09
N GLU A 192 -28.88 -21.74 40.94
CA GLU A 192 -27.80 -22.06 40.03
C GLU A 192 -27.07 -23.32 40.47
N ASP A 193 -26.77 -24.18 39.50
CA ASP A 193 -25.96 -25.35 39.75
C ASP A 193 -24.54 -24.94 40.10
N ASN A 194 -23.72 -25.93 40.46
CA ASN A 194 -22.39 -25.66 41.01
C ASN A 194 -21.27 -25.92 40.04
N ASN A 195 -21.52 -26.63 38.96
CA ASN A 195 -20.44 -27.02 38.06
C ASN A 195 -19.98 -25.82 37.23
N ILE A 196 -18.66 -25.67 37.12
CA ILE A 196 -18.07 -24.51 36.46
C ILE A 196 -17.29 -24.97 35.23
N THR A 197 -17.95 -25.00 34.08
CA THR A 197 -17.33 -25.52 32.87
C THR A 197 -16.33 -24.49 32.35
N LEU A 198 -15.20 -24.96 31.83
CA LEU A 198 -14.25 -24.13 31.10
C LEU A 198 -13.95 -24.85 29.79
N LYS A 199 -14.81 -24.67 28.79
CA LYS A 199 -14.69 -25.44 27.56
C LYS A 199 -15.22 -24.63 26.39
N LEU A 200 -14.85 -25.05 25.18
CA LEU A 200 -15.39 -24.46 23.96
C LEU A 200 -16.69 -25.18 23.63
N ASP A 201 -17.68 -25.02 24.52
CA ASP A 201 -18.95 -25.73 24.40
C ASP A 201 -19.67 -25.32 23.12
N ARG A 202 -19.94 -26.30 22.26
CA ARG A 202 -20.75 -26.10 21.06
C ARG A 202 -20.11 -25.12 20.10
N CYS A 203 -18.78 -25.02 20.12
CA CYS A 203 -18.10 -24.27 19.08
C CYS A 203 -18.26 -24.96 17.74
N ASN A 204 -17.75 -24.30 16.70
CA ASN A 204 -17.75 -24.92 15.38
C ASN A 204 -16.48 -24.64 14.60
N ASN A 205 -15.36 -24.39 15.27
CA ASN A 205 -14.09 -24.28 14.60
C ASN A 205 -13.07 -25.19 15.27
N ASN A 206 -12.31 -25.92 14.46
CA ASN A 206 -11.33 -26.85 15.01
C ASN A 206 -10.19 -26.13 15.69
N ASN A 207 -9.73 -25.01 15.13
CA ASN A 207 -8.54 -24.33 15.61
C ASN A 207 -8.89 -23.19 16.55
N GLN A 208 -10.07 -23.25 17.18
CA GLN A 208 -10.47 -22.24 18.13
C GLN A 208 -9.89 -22.59 19.50
N TYR A 209 -9.38 -21.59 20.21
CA TYR A 209 -8.77 -21.83 21.51
C TYR A 209 -8.73 -20.53 22.30
N VAL A 210 -9.17 -20.61 23.56
CA VAL A 210 -9.12 -19.47 24.47
C VAL A 210 -8.24 -19.84 25.66
N SER A 211 -7.35 -18.93 26.01
CA SER A 211 -6.36 -19.18 27.05
C SER A 211 -6.64 -18.29 28.25
N ILE A 212 -7.24 -18.87 29.29
CA ILE A 212 -7.55 -18.17 30.51
C ILE A 212 -6.35 -18.26 31.44
N ASP A 213 -6.02 -17.15 32.10
CA ASP A 213 -4.95 -17.14 33.10
C ASP A 213 -5.44 -16.45 34.35
N LYS A 214 -5.05 -16.99 35.50
CA LYS A 214 -5.26 -16.36 36.79
C LYS A 214 -6.73 -16.04 37.01
N PHE A 215 -7.57 -17.01 36.69
CA PHE A 215 -9.00 -16.91 36.88
C PHE A 215 -9.30 -16.71 38.36
N ARG A 216 -10.19 -15.77 38.67
CA ARG A 216 -10.56 -15.48 40.04
C ARG A 216 -11.96 -14.88 40.12
N ILE A 217 -12.60 -15.07 41.27
CA ILE A 217 -13.92 -14.54 41.54
C ILE A 217 -13.91 -13.83 42.89
N PHE A 218 -14.66 -12.72 42.97
CA PHE A 218 -14.77 -11.92 44.20
C PHE A 218 -16.22 -11.89 44.63
N CYS A 219 -16.47 -12.23 45.88
CA CYS A 219 -17.83 -12.41 46.38
C CYS A 219 -18.57 -11.09 46.60
N LYS A 220 -18.01 -9.97 46.15
CA LYS A 220 -18.67 -8.68 46.30
C LYS A 220 -18.48 -7.89 45.01
N ALA A 221 -19.08 -6.71 44.97
CA ALA A 221 -18.87 -5.79 43.86
C ALA A 221 -17.46 -5.20 43.96
N LEU A 222 -17.18 -4.28 43.05
CA LEU A 222 -15.86 -3.66 43.00
C LEU A 222 -16.05 -2.17 42.70
N ASN A 223 -14.94 -1.48 42.47
CA ASN A 223 -14.96 -0.08 42.07
C ASN A 223 -13.75 0.18 41.18
N PRO A 224 -13.84 1.16 40.27
CA PRO A 224 -12.79 1.35 39.27
C PRO A 224 -11.39 1.50 39.84
N LYS A 225 -11.24 2.28 40.92
CA LYS A 225 -9.92 2.50 41.49
C LYS A 225 -9.27 1.19 41.91
N GLU A 226 -9.98 0.38 42.69
CA GLU A 226 -9.36 -0.85 43.16
C GLU A 226 -9.20 -1.87 42.04
N ILE A 227 -10.05 -1.83 41.02
CA ILE A 227 -9.80 -2.79 39.95
C ILE A 227 -8.62 -2.36 39.10
N GLU A 228 -8.36 -1.06 38.99
CA GLU A 228 -7.14 -0.60 38.36
C GLU A 228 -5.91 -1.03 39.16
N LYS A 229 -5.97 -0.83 40.48
CA LYS A 229 -4.88 -1.31 41.33
C LYS A 229 -4.68 -2.81 41.18
N LEU A 230 -5.78 -3.56 41.03
CA LEU A 230 -5.69 -5.01 40.88
C LEU A 230 -5.00 -5.37 39.56
N TYR A 231 -5.46 -4.78 38.46
CA TYR A 231 -4.81 -4.92 37.16
C TYR A 231 -3.32 -4.69 37.28
N THR A 232 -2.93 -3.60 37.93
CA THR A 232 -1.51 -3.34 38.12
C THR A 232 -0.86 -4.46 38.94
N SER A 233 -1.56 -4.92 39.97
CA SER A 233 -1.02 -5.93 40.89
C SER A 233 -0.66 -7.21 40.14
N TYR A 234 -1.62 -7.75 39.38
CA TYR A 234 -1.33 -8.90 38.54
C TYR A 234 -0.14 -8.61 37.64
N LEU A 235 -0.04 -7.37 37.16
CA LEU A 235 1.06 -7.02 36.28
C LEU A 235 2.32 -6.87 37.13
N SER A 236 2.98 -8.00 37.41
CA SER A 236 4.24 -7.94 38.13
C SER A 236 5.33 -7.38 37.24
N ILE A 237 6.21 -6.59 37.85
CA ILE A 237 7.35 -6.02 37.13
C ILE A 237 8.40 -7.10 36.95
N THR A 238 8.30 -8.17 37.74
CA THR A 238 9.28 -9.24 37.82
C THR A 238 9.82 -9.66 36.46
N PHE A 239 8.94 -10.05 35.56
CA PHE A 239 9.33 -10.44 34.22
C PHE A 239 9.15 -9.26 33.26
N LEU A 240 9.67 -9.41 32.05
CA LEU A 240 9.72 -8.33 31.07
C LEU A 240 9.02 -8.82 29.82
N ARG A 241 7.72 -8.60 29.76
CA ARG A 241 6.83 -9.18 28.76
C ARG A 241 7.25 -8.77 27.36
N ASP A 242 6.86 -9.55 26.35
CA ASP A 242 6.95 -9.14 24.96
C ASP A 242 5.62 -8.55 24.52
N PHE A 243 5.44 -8.37 23.21
CA PHE A 243 4.21 -7.77 22.70
C PHE A 243 2.97 -8.53 23.16
N TRP A 244 2.85 -9.81 22.79
CA TRP A 244 1.64 -10.56 23.05
C TRP A 244 1.29 -10.66 24.53
N GLY A 245 2.27 -10.51 25.40
CA GLY A 245 2.01 -10.61 26.82
C GLY A 245 2.80 -11.72 27.48
N ASN A 246 2.99 -12.82 26.76
CA ASN A 246 3.85 -13.88 27.29
C ASN A 246 5.26 -13.33 27.44
N PRO A 247 6.04 -13.86 28.39
CA PRO A 247 7.38 -13.31 28.62
C PRO A 247 8.26 -13.42 27.39
N LEU A 248 9.21 -12.49 27.28
CA LEU A 248 10.14 -12.52 26.17
C LEU A 248 10.90 -13.84 26.15
N ARG A 249 11.41 -14.18 24.97
CA ARG A 249 12.20 -15.38 24.80
C ARG A 249 13.59 -15.01 24.30
N TYR A 250 14.62 -15.40 25.04
CA TYR A 250 15.97 -15.27 24.54
C TYR A 250 16.17 -16.15 23.31
N ASP A 251 17.06 -15.70 22.43
CA ASP A 251 17.48 -16.45 21.25
C ASP A 251 16.31 -16.94 20.40
N THR A 252 15.23 -16.17 20.34
CA THR A 252 14.13 -16.43 19.43
C THR A 252 13.88 -15.19 18.58
N GLU A 253 13.23 -15.40 17.44
CA GLU A 253 13.02 -14.30 16.50
C GLU A 253 12.09 -13.26 17.08
N TYR A 254 12.28 -12.01 16.66
CA TYR A 254 11.43 -10.92 17.09
C TYR A 254 11.42 -9.82 16.05
N TYR A 255 10.26 -9.19 15.89
CA TYR A 255 10.11 -7.95 15.15
C TYR A 255 9.69 -6.88 16.14
N LEU A 256 10.09 -5.65 15.90
CA LEU A 256 9.92 -4.58 16.88
C LEU A 256 9.18 -3.39 16.29
N ILE A 257 8.27 -2.82 17.08
CA ILE A 257 7.30 -1.83 16.63
C ILE A 257 7.18 -0.71 17.66
N PRO A 258 7.52 0.53 17.30
CA PRO A 258 7.33 1.66 18.23
C PRO A 258 5.90 1.77 18.73
N VAL A 259 5.70 2.49 19.82
CA VAL A 259 4.39 2.50 20.46
C VAL A 259 3.55 3.66 19.94
N ALA A 260 4.19 4.73 19.48
CA ALA A 260 3.49 5.89 18.95
C ALA A 260 3.73 5.96 17.44
N SER A 261 4.05 4.82 16.86
CA SER A 261 4.31 4.70 15.43
C SER A 261 3.72 3.39 14.87
N SER A 262 2.58 2.96 15.43
CA SER A 262 1.91 1.76 14.97
C SER A 262 1.96 1.62 13.47
N SER A 263 1.64 2.70 12.76
CA SER A 263 1.67 2.70 11.31
C SER A 263 3.08 2.73 10.75
N LYS A 264 4.08 2.51 11.60
CA LYS A 264 5.46 2.35 11.14
C LYS A 264 5.94 0.95 11.48
N ASP A 265 7.16 0.65 11.05
CA ASP A 265 7.95 -0.46 11.58
C ASP A 265 9.37 -0.35 11.02
N VAL A 266 10.24 -1.25 11.44
CA VAL A 266 11.68 -1.11 11.27
C VAL A 266 12.06 -1.57 9.86
N GLN A 267 13.23 -1.12 9.42
CA GLN A 267 13.78 -1.48 8.13
C GLN A 267 15.26 -1.13 8.12
N LEU A 268 16.09 -2.13 7.83
CA LEU A 268 17.51 -1.87 7.64
C LEU A 268 17.71 -1.14 6.33
N LYS A 269 18.75 -0.32 6.25
CA LYS A 269 19.06 0.30 4.98
C LYS A 269 20.10 -0.49 4.21
N ASN A 270 21.29 -0.64 4.77
CA ASN A 270 22.40 -1.19 4.02
C ASN A 270 23.12 -2.23 4.87
N ILE A 271 24.18 -2.81 4.30
CA ILE A 271 25.03 -3.73 5.05
C ILE A 271 25.78 -2.94 6.09
N THR A 272 25.57 -3.30 7.36
CA THR A 272 26.29 -2.85 8.55
C THR A 272 26.11 -1.37 8.85
N ASP A 273 25.42 -0.62 8.00
CA ASP A 273 25.21 0.80 8.22
C ASP A 273 23.89 1.05 8.95
N TYR A 274 23.48 2.31 9.00
CA TYR A 274 22.42 2.76 9.88
C TYR A 274 21.08 2.11 9.64
N MET A 275 20.23 2.12 10.65
CA MET A 275 18.85 1.70 10.56
C MET A 275 17.98 2.87 10.14
N TYR A 276 16.69 2.61 9.98
CA TYR A 276 15.70 3.64 9.71
C TYR A 276 14.30 3.05 9.76
N LEU A 277 13.30 3.91 9.67
CA LEU A 277 11.91 3.49 9.85
C LEU A 277 11.17 3.60 8.51
N THR A 278 9.98 3.00 8.45
CA THR A 278 9.18 3.09 7.24
C THR A 278 7.71 2.89 7.57
N ASN A 279 6.87 3.04 6.54
CA ASN A 279 5.43 3.03 6.71
C ASN A 279 4.90 1.60 6.88
N ALA A 280 3.57 1.48 6.90
CA ALA A 280 2.87 0.29 7.38
C ALA A 280 2.33 -0.57 6.25
N PRO A 281 2.88 -1.75 5.99
CA PRO A 281 2.12 -2.76 5.26
C PRO A 281 1.07 -3.39 6.16
N SER A 282 -0.13 -3.62 5.64
CA SER A 282 -1.24 -4.12 6.45
C SER A 282 -2.39 -4.62 5.58
N TYR A 283 -3.55 -4.84 6.21
CA TYR A 283 -4.73 -5.31 5.50
C TYR A 283 -5.94 -4.57 6.06
N THR A 284 -6.98 -4.46 5.24
CA THR A 284 -8.21 -3.77 5.64
C THR A 284 -9.40 -4.46 5.01
N ASN A 285 -10.16 -5.19 5.81
CA ASN A 285 -11.47 -5.66 5.36
C ASN A 285 -12.53 -4.66 5.74
N GLY A 286 -12.72 -3.63 4.92
CA GLY A 286 -13.73 -2.64 5.20
C GLY A 286 -15.14 -3.16 5.01
N LYS A 287 -15.27 -4.48 4.90
CA LYS A 287 -16.54 -5.12 4.63
C LYS A 287 -17.11 -5.81 5.86
N LEU A 288 -16.26 -6.20 6.79
CA LEU A 288 -16.66 -6.85 8.04
C LEU A 288 -16.12 -6.09 9.24
N ASN A 289 -15.96 -4.77 9.08
CA ASN A 289 -15.36 -3.88 10.07
C ASN A 289 -14.11 -4.52 10.71
N ILE A 290 -13.15 -4.79 9.84
CA ILE A 290 -11.89 -5.42 10.23
C ILE A 290 -10.75 -4.66 9.59
N TYR A 291 -9.72 -4.35 10.38
CA TYR A 291 -8.52 -3.69 9.88
C TYR A 291 -7.45 -3.80 10.96
N TYR A 292 -6.22 -4.03 10.55
CA TYR A 292 -5.11 -4.23 11.47
C TYR A 292 -3.82 -4.10 10.69
N ARG A 293 -2.81 -3.52 11.32
CA ARG A 293 -1.46 -3.51 10.77
C ARG A 293 -0.99 -4.94 10.64
N ARG A 294 -0.43 -5.30 9.48
CA ARG A 294 0.06 -6.65 9.30
C ARG A 294 1.28 -6.89 10.18
N LEU A 295 1.55 -8.16 10.47
CA LEU A 295 2.61 -8.49 11.42
C LEU A 295 3.76 -9.25 10.78
N TYR A 296 4.76 -9.61 11.59
CA TYR A 296 5.86 -10.47 11.21
C TYR A 296 6.68 -9.93 10.05
N ASN A 297 6.46 -8.69 9.67
CA ASN A 297 7.06 -8.11 8.48
C ASN A 297 7.93 -6.92 8.87
N GLY A 298 9.18 -6.94 8.46
CA GLY A 298 10.17 -6.01 8.96
C GLY A 298 11.52 -6.68 9.07
N LEU A 299 12.14 -6.64 10.25
CA LEU A 299 13.39 -7.34 10.48
C LEU A 299 13.26 -8.29 11.64
N LYS A 300 13.94 -9.43 11.51
CA LYS A 300 13.96 -10.47 12.53
C LYS A 300 15.11 -10.23 13.49
N PHE A 301 14.84 -10.34 14.79
CA PHE A 301 15.82 -9.99 15.79
C PHE A 301 16.02 -11.13 16.78
N ILE A 302 17.27 -11.29 17.23
CA ILE A 302 17.64 -12.32 18.18
C ILE A 302 18.22 -11.65 19.42
N ILE A 303 17.68 -12.00 20.59
CA ILE A 303 18.12 -11.43 21.85
C ILE A 303 18.86 -12.52 22.62
N LYS A 304 20.13 -12.28 22.91
CA LYS A 304 20.97 -13.22 23.62
C LYS A 304 21.26 -12.72 25.03
N ARG A 305 21.82 -13.59 25.86
CA ARG A 305 22.57 -13.12 27.03
C ARG A 305 23.95 -12.68 26.58
N TYR A 306 24.56 -11.77 27.36
CA TYR A 306 25.87 -11.26 26.96
C TYR A 306 26.95 -12.34 27.04
N THR A 307 26.91 -13.19 28.07
CA THR A 307 27.87 -14.29 28.21
C THR A 307 27.12 -15.46 28.80
N PRO A 308 27.26 -16.66 28.24
CA PRO A 308 26.42 -17.79 28.68
C PRO A 308 26.55 -18.08 30.16
N ASN A 309 25.53 -18.75 30.71
CA ASN A 309 25.47 -19.09 32.12
C ASN A 309 25.16 -20.57 32.28
N ASN A 310 25.07 -20.99 33.54
CA ASN A 310 24.69 -22.37 33.86
C ASN A 310 23.19 -22.60 33.66
N GLU A 311 22.35 -21.85 34.39
CA GLU A 311 20.90 -21.97 34.25
C GLU A 311 20.45 -20.97 33.20
N ILE A 312 20.64 -21.35 31.94
CA ILE A 312 20.29 -20.47 30.81
C ILE A 312 18.82 -20.76 30.48
N ASP A 313 17.94 -20.08 31.21
CA ASP A 313 16.52 -20.10 30.88
C ASP A 313 16.19 -18.82 30.13
N SER A 314 15.49 -18.96 29.01
CA SER A 314 15.26 -17.85 28.09
C SER A 314 14.31 -16.81 28.66
N PHE A 315 13.68 -17.07 29.81
CA PHE A 315 12.92 -16.06 30.52
C PHE A 315 13.82 -14.86 30.82
N VAL A 316 13.33 -13.65 30.59
CA VAL A 316 14.11 -12.44 30.84
C VAL A 316 13.56 -11.81 32.12
N LYS A 317 14.46 -11.56 33.08
CA LYS A 317 14.10 -10.81 34.28
C LYS A 317 14.21 -9.33 34.02
N SER A 318 13.63 -8.51 34.89
CA SER A 318 13.65 -7.06 34.73
C SER A 318 15.07 -6.55 34.82
N GLY A 319 15.45 -5.72 33.86
CA GLY A 319 16.76 -5.09 33.87
C GLY A 319 17.92 -6.05 33.83
N ASP A 320 18.10 -6.74 32.71
CA ASP A 320 19.21 -7.68 32.55
C ASP A 320 20.08 -7.25 31.39
N PHE A 321 21.39 -7.35 31.57
CA PHE A 321 22.35 -6.95 30.55
C PHE A 321 22.32 -7.95 29.41
N ILE A 322 22.18 -7.45 28.18
CA ILE A 322 22.08 -8.32 27.01
C ILE A 322 22.78 -7.69 25.80
N LYS A 323 23.02 -8.48 24.78
CA LYS A 323 23.39 -8.00 23.46
C LYS A 323 22.13 -7.83 22.62
N LEU A 324 22.34 -7.62 21.32
CA LEU A 324 21.21 -7.54 20.39
C LEU A 324 21.63 -7.92 18.98
N TYR A 325 21.25 -9.12 18.55
CA TYR A 325 21.62 -9.60 17.23
C TYR A 325 20.44 -9.49 16.26
N VAL A 326 20.72 -9.13 15.01
CA VAL A 326 19.69 -9.02 14.00
C VAL A 326 19.78 -10.23 13.07
N SER A 327 18.61 -10.73 12.66
CA SER A 327 18.53 -11.93 11.83
C SER A 327 18.38 -11.53 10.37
N TYR A 328 19.24 -12.07 9.52
CA TYR A 328 19.35 -11.64 8.13
C TYR A 328 19.91 -12.79 7.32
N ASN A 329 19.10 -13.33 6.39
CA ASN A 329 19.47 -14.50 5.59
C ASN A 329 19.85 -15.69 6.48
N ASN A 330 19.32 -15.68 7.70
CA ASN A 330 19.67 -16.59 8.79
C ASN A 330 21.10 -16.38 9.28
N ASN A 331 21.85 -15.48 8.66
CA ASN A 331 23.09 -15.02 9.25
C ASN A 331 22.79 -14.01 10.34
N GLU A 332 23.64 -14.01 11.38
CA GLU A 332 23.45 -13.15 12.52
C GLU A 332 24.29 -11.89 12.37
N HIS A 333 23.81 -10.79 12.96
CA HIS A 333 24.55 -9.55 12.98
C HIS A 333 24.11 -8.76 14.20
N ILE A 334 25.07 -8.15 14.87
CA ILE A 334 24.80 -7.45 16.13
C ILE A 334 24.64 -5.96 15.88
N VAL A 335 23.77 -5.32 16.65
CA VAL A 335 23.57 -3.88 16.62
C VAL A 335 24.67 -3.25 17.46
N GLY A 336 24.76 -1.92 17.40
CA GLY A 336 25.65 -1.23 18.31
C GLY A 336 25.89 0.23 17.98
N TYR A 337 26.97 0.79 18.50
CA TYR A 337 27.35 2.15 18.22
C TYR A 337 28.87 2.20 18.30
N PRO A 338 29.56 2.46 17.21
CA PRO A 338 31.02 2.58 17.28
C PRO A 338 31.43 3.94 17.81
N LYS A 339 32.61 4.01 18.43
CA LYS A 339 33.10 5.27 18.97
C LYS A 339 33.23 6.29 17.86
N ASP A 340 33.02 7.57 18.21
CA ASP A 340 33.00 8.66 17.24
C ASP A 340 31.89 8.45 16.20
N GLY A 341 30.87 7.69 16.58
CA GLY A 341 29.79 7.42 15.65
C GLY A 341 28.94 8.66 15.41
N ASN A 342 28.97 9.14 14.17
CA ASN A 342 28.24 10.35 13.80
C ASN A 342 26.80 10.25 14.28
N ALA A 343 26.32 11.32 14.90
CA ALA A 343 25.04 11.29 15.58
C ALA A 343 24.36 12.63 15.38
N PHE A 344 23.21 12.81 16.03
CA PHE A 344 22.40 14.01 15.94
C PHE A 344 22.53 14.79 17.24
N ASN A 345 22.95 16.06 17.12
CA ASN A 345 23.17 16.93 18.27
C ASN A 345 24.21 16.34 19.22
N ASN A 346 24.93 15.31 18.77
CA ASN A 346 25.96 14.63 19.55
C ASN A 346 25.42 14.05 20.86
N LEU A 347 24.10 14.04 21.02
CA LEU A 347 23.50 13.43 22.20
C LEU A 347 22.53 12.34 21.77
N ASP A 348 22.05 12.41 20.52
CA ASP A 348 21.18 11.39 19.95
C ASP A 348 22.05 10.47 19.10
N ARG A 349 22.56 9.40 19.70
CA ARG A 349 23.50 8.51 19.03
C ARG A 349 22.77 7.69 17.97
N ILE A 350 23.22 7.83 16.72
CA ILE A 350 22.70 6.98 15.65
C ILE A 350 22.96 5.53 16.01
N LEU A 351 22.07 4.64 15.60
CA LEU A 351 22.35 3.24 15.80
C LEU A 351 23.11 2.70 14.59
N ARG A 352 23.65 1.50 14.75
CA ARG A 352 24.36 0.82 13.66
C ARG A 352 24.08 -0.67 13.79
N VAL A 353 24.71 -1.47 12.93
CA VAL A 353 24.63 -2.93 13.00
C VAL A 353 25.98 -3.51 12.65
N GLY A 354 26.61 -4.17 13.62
CA GLY A 354 27.88 -4.84 13.43
C GLY A 354 28.88 -4.09 12.58
N TYR A 355 29.24 -2.88 12.99
CA TYR A 355 30.10 -2.02 12.21
C TYR A 355 31.47 -2.68 12.07
N ASN A 356 31.75 -3.15 10.86
CA ASN A 356 32.95 -3.95 10.59
C ASN A 356 34.14 -3.00 10.45
N ALA A 357 34.40 -2.27 11.52
CA ALA A 357 35.54 -1.36 11.57
C ALA A 357 36.82 -2.16 11.75
N PRO A 358 37.86 -1.89 10.96
CA PRO A 358 39.16 -2.52 11.23
C PRO A 358 39.69 -2.19 12.63
N GLY A 359 39.80 -0.91 12.98
CA GLY A 359 40.34 -0.51 14.25
C GLY A 359 39.34 -0.06 15.29
N ILE A 360 38.34 0.72 14.86
CA ILE A 360 37.43 1.38 15.80
C ILE A 360 36.65 0.32 16.57
N PRO A 361 36.51 0.45 17.88
CA PRO A 361 35.65 -0.47 18.63
C PRO A 361 34.19 -0.11 18.48
N LEU A 362 33.30 -0.85 19.13
CA LEU A 362 31.86 -0.66 18.99
C LEU A 362 31.19 -0.95 20.32
N TYR A 363 30.42 0.01 20.82
CA TYR A 363 29.60 -0.23 22.01
C TYR A 363 28.55 -1.28 21.66
N LYS A 364 28.74 -2.50 22.16
CA LYS A 364 27.83 -3.60 21.87
C LYS A 364 27.09 -4.01 23.13
N LYS A 365 27.14 -3.17 24.16
CA LYS A 365 26.66 -3.54 25.49
C LYS A 365 25.34 -2.81 25.74
N MET A 366 24.25 -3.52 25.54
CA MET A 366 22.93 -3.00 25.84
C MET A 366 22.38 -3.67 27.10
N GLU A 367 21.14 -3.33 27.42
CA GLU A 367 20.48 -3.94 28.58
C GLU A 367 18.98 -3.68 28.47
N ALA A 368 18.20 -4.75 28.40
CA ALA A 368 16.75 -4.62 28.50
C ALA A 368 16.40 -4.01 29.85
N VAL A 369 15.55 -2.99 29.81
CA VAL A 369 15.23 -2.19 30.99
C VAL A 369 13.77 -1.78 30.93
N LYS A 370 13.06 -2.05 32.02
CA LYS A 370 11.67 -1.64 32.15
C LYS A 370 11.60 -0.43 33.06
N LEU A 371 11.06 0.67 32.54
CA LEU A 371 10.97 1.90 33.31
C LEU A 371 9.57 2.49 33.34
N ARG A 372 8.79 2.35 32.28
CA ARG A 372 7.51 3.03 32.17
C ARG A 372 6.50 2.00 31.64
N ASP A 373 5.25 2.43 31.51
CA ASP A 373 4.16 1.62 30.95
C ASP A 373 3.94 0.36 31.79
N LEU A 374 3.60 0.60 33.06
CA LEU A 374 3.20 -0.48 33.95
C LEU A 374 1.79 -0.99 33.65
N LYS A 375 1.13 -0.42 32.63
CA LYS A 375 -0.17 -0.92 32.19
C LYS A 375 -0.07 -1.63 30.84
N THR A 376 0.68 -1.07 29.89
CA THR A 376 0.73 -1.64 28.56
C THR A 376 2.09 -2.30 28.31
N TYR A 377 2.06 -3.40 27.58
CA TYR A 377 3.21 -4.29 27.42
C TYR A 377 4.24 -3.70 26.46
N SER A 378 4.88 -2.62 26.89
CA SER A 378 5.99 -2.10 26.12
C SER A 378 7.32 -2.49 26.77
N VAL A 379 8.41 -2.18 26.09
CA VAL A 379 9.75 -2.53 26.54
C VAL A 379 10.72 -1.47 26.05
N GLN A 380 11.51 -0.91 26.97
CA GLN A 380 12.56 0.03 26.62
C GLN A 380 13.90 -0.70 26.57
N LEU A 381 14.75 -0.32 25.62
CA LEU A 381 16.10 -0.85 25.52
C LEU A 381 17.08 0.26 25.80
N LYS A 382 18.12 -0.04 26.58
CA LYS A 382 19.13 0.93 26.95
C LYS A 382 20.47 0.57 26.31
N LEU A 383 21.35 1.56 26.18
CA LEU A 383 22.66 1.32 25.56
C LEU A 383 23.72 1.97 26.44
N TYR A 384 24.59 1.14 27.03
CA TYR A 384 25.72 1.63 27.79
C TYR A 384 26.95 1.73 26.91
N ASP A 385 27.99 2.39 27.41
CA ASP A 385 29.30 2.37 26.80
C ASP A 385 30.00 1.08 27.20
N ASP A 386 31.30 0.99 26.95
CA ASP A 386 32.06 -0.09 27.57
C ASP A 386 32.64 0.31 28.92
N LYS A 387 32.23 1.45 29.49
CA LYS A 387 32.65 1.86 30.82
C LYS A 387 31.45 2.20 31.70
N ASN A 388 30.32 1.51 31.49
CA ASN A 388 29.17 1.64 32.37
C ASN A 388 28.67 3.08 32.46
N ALA A 389 28.20 3.61 31.34
CA ALA A 389 27.63 4.96 31.27
C ALA A 389 26.40 4.92 30.40
N SER A 390 25.30 5.50 30.90
CA SER A 390 24.06 5.56 30.13
C SER A 390 24.20 6.51 28.94
N LEU A 391 24.05 5.96 27.74
CA LEU A 391 24.07 6.76 26.53
C LEU A 391 22.69 7.20 26.06
N GLY A 392 21.64 6.45 26.38
CA GLY A 392 20.29 6.80 25.99
C GLY A 392 19.51 5.56 25.63
N LEU A 393 18.25 5.76 25.28
CA LEU A 393 17.37 4.69 24.86
C LEU A 393 17.20 4.73 23.34
N VAL A 394 16.85 3.59 22.76
CA VAL A 394 16.64 3.53 21.32
C VAL A 394 15.33 4.22 20.99
N GLY A 395 15.41 5.43 20.44
CA GLY A 395 14.25 6.25 20.26
C GLY A 395 13.99 6.76 18.85
N THR A 396 12.85 7.41 18.69
CA THR A 396 12.42 7.92 17.39
C THR A 396 12.71 9.41 17.32
N HIS A 397 13.65 9.79 16.47
CA HIS A 397 14.00 11.20 16.30
C HIS A 397 14.46 11.42 14.87
N ASN A 398 13.82 12.39 14.21
CA ASN A 398 13.99 12.65 12.79
C ASN A 398 15.42 13.12 12.49
N GLY A 399 15.70 13.27 11.20
CA GLY A 399 16.96 13.82 10.75
C GLY A 399 17.56 13.13 9.54
N GLN A 400 17.84 13.89 8.50
CA GLN A 400 18.47 13.35 7.31
C GLN A 400 19.95 13.11 7.57
N ILE A 401 20.54 12.20 6.80
CA ILE A 401 21.98 11.99 6.81
C ILE A 401 22.47 11.91 5.38
N GLY A 402 23.70 12.36 5.18
CA GLY A 402 24.36 12.29 3.89
C GLY A 402 23.49 12.80 2.74
N ASN A 403 23.55 12.07 1.63
CA ASN A 403 22.78 12.40 0.43
C ASN A 403 21.39 11.78 0.41
N ASP A 404 21.20 10.65 1.07
CA ASP A 404 19.95 9.92 1.03
C ASP A 404 18.85 10.76 1.66
N PRO A 405 17.60 10.44 1.40
CA PRO A 405 16.50 11.30 1.88
C PRO A 405 16.29 11.21 3.37
N ASN A 406 15.62 12.21 3.94
CA ASN A 406 15.32 12.24 5.36
C ASN A 406 14.24 11.22 5.69
N ARG A 407 14.39 10.63 6.87
CA ARG A 407 13.54 9.54 7.33
C ARG A 407 13.44 9.65 8.85
N ASP A 408 12.99 8.58 9.49
CA ASP A 408 13.07 8.46 10.93
C ASP A 408 14.08 7.38 11.28
N ILE A 409 15.03 7.71 12.14
CA ILE A 409 16.13 6.80 12.44
C ILE A 409 16.13 6.48 13.93
N LEU A 410 16.64 5.30 14.29
CA LEU A 410 16.74 4.85 15.66
C LEU A 410 17.94 5.52 16.32
N ILE A 411 17.76 6.02 17.54
CA ILE A 411 18.71 6.89 18.18
C ILE A 411 19.06 6.35 19.55
N ALA A 412 19.91 7.08 20.28
CA ALA A 412 20.22 6.81 21.68
C ALA A 412 20.52 8.14 22.33
N SER A 413 19.63 8.61 23.21
CA SER A 413 19.76 9.95 23.76
C SER A 413 19.23 9.95 25.19
N ASN A 414 20.14 10.15 26.15
CA ASN A 414 19.72 10.29 27.54
C ASN A 414 18.71 11.40 27.73
N TRP A 415 18.63 12.33 26.77
CA TRP A 415 17.60 13.35 26.73
C TRP A 415 16.23 12.75 26.99
N TYR A 416 16.02 11.51 26.52
CA TYR A 416 14.74 10.83 26.74
C TYR A 416 14.43 10.66 28.21
N PHE A 417 15.45 10.54 29.06
CA PHE A 417 15.24 10.28 30.49
C PHE A 417 14.41 11.37 31.15
N ASN A 418 14.27 12.52 30.49
CA ASN A 418 13.50 13.63 31.04
C ASN A 418 12.09 13.71 30.47
N HIS A 419 11.52 12.57 30.08
CA HIS A 419 10.13 12.53 29.65
C HIS A 419 9.43 11.29 30.18
N LEU A 420 10.07 10.58 31.12
CA LEU A 420 9.58 9.26 31.51
C LEU A 420 8.25 9.37 32.26
N LYS A 421 7.88 10.58 32.66
CA LYS A 421 6.61 10.76 33.36
C LYS A 421 5.49 11.10 32.37
N ASP A 422 5.84 11.30 31.10
CA ASP A 422 4.86 11.72 30.11
C ASP A 422 3.90 10.56 29.80
N LYS A 423 2.93 10.83 28.92
CA LYS A 423 1.99 9.80 28.46
C LYS A 423 2.49 9.07 27.22
N ILE A 424 3.14 9.78 26.31
CA ILE A 424 3.70 9.19 25.10
C ILE A 424 5.18 9.53 25.03
N LEU A 425 5.97 8.53 24.66
CA LEU A 425 7.42 8.67 24.56
C LEU A 425 7.83 8.38 23.12
N GLY A 426 9.13 8.35 22.87
CA GLY A 426 9.63 8.08 21.55
C GLY A 426 10.61 6.93 21.52
N CYS A 427 10.81 6.28 22.68
CA CYS A 427 11.72 5.15 22.80
C CYS A 427 11.08 4.03 23.61
N ASP A 428 9.78 3.83 23.42
CA ASP A 428 9.12 2.63 23.93
C ASP A 428 8.91 1.69 22.76
N TRP A 429 8.79 0.40 23.05
CA TRP A 429 8.86 -0.55 21.95
C TRP A 429 7.92 -1.72 22.22
N TYR A 430 7.60 -2.43 21.15
CA TYR A 430 6.81 -3.64 21.16
C TYR A 430 7.75 -4.75 20.67
N PHE A 431 7.70 -5.91 21.30
CA PHE A 431 8.43 -7.07 20.79
C PHE A 431 7.46 -8.17 20.38
N VAL A 432 7.19 -8.26 19.08
CA VAL A 432 6.28 -9.27 18.54
C VAL A 432 7.09 -10.51 18.18
N PRO A 433 6.76 -11.67 18.74
CA PRO A 433 7.30 -12.92 18.23
C PRO A 433 6.36 -13.54 17.21
N THR A 434 6.89 -14.38 16.31
CA THR A 434 6.03 -15.03 15.34
C THR A 434 5.12 -16.02 16.05
N ASP A 435 3.87 -15.61 16.25
CA ASP A 435 2.93 -16.34 17.08
C ASP A 435 1.86 -16.98 16.21
N GLU A 436 1.24 -18.03 16.73
CA GLU A 436 0.19 -18.72 15.99
C GLU A 436 -1.01 -17.82 15.73
N GLY A 437 -1.67 -17.35 16.78
CA GLY A 437 -3.01 -16.82 16.64
C GLY A 437 -3.13 -15.46 16.00
N TRP A 438 -2.43 -15.25 14.90
CA TRP A 438 -2.54 -14.05 14.10
C TRP A 438 -1.82 -14.29 12.78
N THR A 439 -2.53 -14.04 11.70
CA THR A 439 -2.01 -14.25 10.36
C THR A 439 -2.46 -13.13 9.44
N ASN A 440 -1.52 -12.61 8.66
CA ASN A 440 -1.87 -11.61 7.67
C ASN A 440 -2.74 -12.21 6.57
N ASP A 441 -4.02 -11.88 6.61
CA ASP A 441 -5.00 -12.45 5.68
C ASP A 441 -4.72 -12.05 4.24
N GLN B 1 23.62 6.10 -8.54
CA GLN B 1 24.38 5.55 -9.65
C GLN B 1 23.74 4.23 -10.09
N LEU B 2 22.68 3.83 -9.40
CA LEU B 2 22.02 2.57 -9.70
C LEU B 2 21.26 2.70 -11.01
N GLN B 3 21.89 2.23 -12.09
CA GLN B 3 21.32 2.28 -13.43
C GLN B 3 20.46 1.05 -13.65
N LEU B 4 19.16 1.18 -13.42
CA LEU B 4 18.26 0.11 -13.83
C LEU B 4 18.37 -0.09 -15.34
N GLN B 5 18.32 -1.35 -15.76
CA GLN B 5 18.55 -1.68 -17.17
C GLN B 5 17.85 -3.01 -17.43
N GLU B 6 16.76 -2.97 -18.18
CA GLU B 6 15.88 -4.13 -18.31
C GLU B 6 15.96 -4.74 -19.70
N SER B 7 15.38 -5.92 -19.84
CA SER B 7 15.35 -6.62 -21.13
C SER B 7 14.08 -7.47 -21.18
N GLY B 8 14.03 -8.36 -22.17
CA GLY B 8 12.85 -9.12 -22.46
C GLY B 8 12.14 -8.63 -23.71
N PRO B 9 12.90 -8.30 -24.75
CA PRO B 9 12.35 -7.49 -25.83
C PRO B 9 11.34 -8.24 -26.66
N GLY B 10 10.69 -7.50 -27.56
CA GLY B 10 9.82 -8.06 -28.57
C GLY B 10 8.37 -7.76 -28.29
N LEU B 11 7.51 -8.56 -28.90
CA LEU B 11 6.07 -8.47 -28.74
C LEU B 11 5.53 -9.79 -28.25
N VAL B 12 4.34 -9.77 -27.67
CA VAL B 12 3.70 -10.97 -27.16
C VAL B 12 2.37 -11.15 -27.87
N ARG B 13 1.99 -12.42 -28.03
CA ARG B 13 0.67 -12.76 -28.52
C ARG B 13 -0.24 -13.07 -27.34
N PRO B 14 -1.56 -12.97 -27.51
CA PRO B 14 -2.46 -13.16 -26.37
C PRO B 14 -2.30 -14.53 -25.75
N SER B 15 -2.44 -14.59 -24.43
CA SER B 15 -2.43 -15.82 -23.66
C SER B 15 -1.08 -16.54 -23.70
N GLU B 16 -0.05 -15.86 -24.19
CA GLU B 16 1.28 -16.45 -24.21
C GLU B 16 2.11 -15.91 -23.04
N THR B 17 3.40 -16.25 -23.03
CA THR B 17 4.27 -15.89 -21.91
C THR B 17 5.11 -14.67 -22.24
N LEU B 18 5.51 -13.95 -21.20
CA LEU B 18 6.45 -12.84 -21.29
C LEU B 18 7.45 -12.92 -20.15
N SER B 19 8.73 -12.89 -20.51
CA SER B 19 9.83 -12.86 -19.55
C SER B 19 10.29 -11.42 -19.42
N LEU B 20 10.39 -10.93 -18.18
CA LEU B 20 10.75 -9.54 -17.94
C LEU B 20 11.71 -9.47 -16.77
N THR B 21 13.00 -9.26 -17.06
CA THR B 21 14.05 -9.31 -16.06
C THR B 21 14.50 -7.90 -15.68
N CYS B 22 14.48 -7.64 -14.37
CA CYS B 22 14.83 -6.32 -13.83
C CYS B 22 16.26 -6.33 -13.29
N SER B 23 17.21 -6.27 -14.21
CA SER B 23 18.62 -6.36 -13.85
C SER B 23 19.11 -5.05 -13.24
N VAL B 24 19.11 -4.96 -11.91
CA VAL B 24 19.74 -3.85 -11.20
C VAL B 24 21.24 -4.09 -11.19
N SER B 25 22.00 -3.12 -11.67
CA SER B 25 23.41 -3.31 -11.94
C SER B 25 24.24 -2.33 -11.13
N ASP B 26 25.53 -2.68 -10.98
CA ASP B 26 26.55 -1.85 -10.37
C ASP B 26 26.36 -1.67 -8.87
N ASP B 27 25.30 -2.23 -8.32
CA ASP B 27 25.11 -2.24 -6.87
C ASP B 27 25.35 -3.66 -6.37
N SER B 28 26.61 -3.96 -6.07
CA SER B 28 27.03 -5.30 -5.67
C SER B 28 26.13 -5.86 -4.58
N MET B 29 26.04 -5.18 -3.44
CA MET B 29 25.11 -5.62 -2.42
C MET B 29 23.67 -5.52 -2.87
N GLY B 30 23.27 -4.40 -3.47
CA GLY B 30 21.94 -4.37 -4.04
C GLY B 30 20.88 -4.72 -3.02
N SER B 31 20.37 -5.93 -3.15
CA SER B 31 19.23 -6.38 -2.37
C SER B 31 19.67 -6.56 -0.93
N SER B 32 19.61 -5.47 -0.16
CA SER B 32 19.92 -5.52 1.26
C SER B 32 18.67 -5.59 2.13
N THR B 33 17.81 -4.57 2.12
CA THR B 33 16.57 -4.67 2.90
C THR B 33 15.37 -3.95 2.28
N TYR B 34 15.52 -3.23 1.18
CA TYR B 34 14.41 -2.43 0.66
C TYR B 34 13.62 -3.20 -0.42
N TYR B 35 12.38 -2.77 -0.66
CA TYR B 35 11.39 -3.48 -1.47
C TYR B 35 11.76 -3.42 -2.94
N TRP B 36 10.88 -4.01 -3.76
CA TRP B 36 10.90 -3.84 -5.22
C TRP B 36 9.49 -4.02 -5.75
N ALA B 37 9.10 -3.16 -6.68
CA ALA B 37 7.74 -3.07 -7.19
C ALA B 37 7.74 -2.81 -8.71
N TRP B 38 6.57 -2.98 -9.33
CA TRP B 38 6.38 -2.83 -10.77
C TRP B 38 5.36 -1.73 -11.06
N ILE B 39 5.40 -1.21 -12.28
CA ILE B 39 4.56 -0.08 -12.69
C ILE B 39 3.90 -0.39 -14.02
N ARG B 40 2.58 -0.22 -14.07
CA ARG B 40 1.79 -0.40 -15.28
C ARG B 40 1.55 0.96 -15.94
N GLN B 41 1.63 0.98 -17.26
CA GLN B 41 1.59 2.24 -17.99
C GLN B 41 0.89 2.05 -19.33
N PRO B 42 -0.44 2.03 -19.35
CA PRO B 42 -1.16 2.04 -20.63
C PRO B 42 -1.07 3.42 -21.26
N PRO B 43 -0.53 3.52 -22.49
CA PRO B 43 -0.22 4.84 -23.07
C PRO B 43 -1.37 5.83 -22.98
N GLY B 44 -1.09 7.00 -22.42
CA GLY B 44 -2.12 8.02 -22.25
C GLY B 44 -3.27 7.58 -21.38
N LYS B 45 -3.00 7.27 -20.11
CA LYS B 45 -4.04 6.86 -19.17
C LYS B 45 -3.47 6.96 -17.76
N GLY B 46 -4.35 6.76 -16.78
CA GLY B 46 -3.92 6.74 -15.40
C GLY B 46 -2.93 5.62 -15.12
N LEU B 47 -2.34 5.64 -13.94
CA LEU B 47 -1.27 4.71 -13.60
C LEU B 47 -1.52 3.97 -12.30
N GLU B 48 -2.07 2.77 -12.37
CA GLU B 48 -1.97 1.84 -11.24
C GLU B 48 -0.74 0.97 -11.42
N TRP B 49 -0.09 0.61 -10.31
CA TRP B 49 1.11 -0.20 -10.41
C TRP B 49 0.71 -1.67 -10.37
N ILE B 50 1.69 -2.56 -10.41
CA ILE B 50 1.40 -3.99 -10.47
C ILE B 50 1.45 -4.64 -9.10
N GLY B 51 2.61 -4.59 -8.47
CA GLY B 51 2.87 -5.30 -7.24
C GLY B 51 4.18 -4.87 -6.61
N ASN B 52 4.45 -5.45 -5.43
CA ASN B 52 5.69 -5.21 -4.69
C ASN B 52 6.01 -6.46 -3.87
N VAL B 53 7.12 -7.13 -4.19
CA VAL B 53 7.50 -8.31 -3.43
C VAL B 53 8.93 -8.14 -2.95
N TYR B 54 9.17 -8.63 -1.74
CA TYR B 54 10.45 -8.55 -1.04
C TYR B 54 11.32 -9.74 -1.44
N TYR B 55 12.59 -9.70 -1.03
CA TYR B 55 13.50 -10.80 -1.33
C TYR B 55 13.37 -11.93 -0.31
N ASN B 56 12.72 -11.69 0.81
CA ASN B 56 12.09 -12.76 1.56
C ASN B 56 10.93 -13.36 0.77
N GLY B 57 10.33 -12.59 -0.13
CA GLY B 57 9.22 -13.06 -0.94
C GLY B 57 7.99 -13.41 -0.13
N VAL B 58 7.36 -12.41 0.49
CA VAL B 58 6.09 -12.60 1.17
C VAL B 58 4.93 -12.59 0.17
N THR B 59 4.70 -11.47 -0.50
CA THR B 59 3.74 -11.40 -1.59
C THR B 59 3.96 -10.07 -2.31
N TYR B 60 3.11 -9.79 -3.29
CA TYR B 60 3.12 -8.52 -4.00
C TYR B 60 1.73 -7.88 -3.95
N TYR B 61 1.62 -6.66 -4.46
CA TYR B 61 0.36 -5.94 -4.38
C TYR B 61 -0.73 -6.70 -5.12
N ASN B 62 -1.69 -7.23 -4.37
CA ASN B 62 -2.76 -8.03 -4.93
C ASN B 62 -4.06 -7.22 -4.88
N SER B 63 -4.25 -6.35 -5.86
CA SER B 63 -5.58 -5.90 -6.20
C SER B 63 -6.09 -6.83 -7.28
N SER B 64 -7.20 -6.50 -7.94
CA SER B 64 -7.74 -7.44 -8.92
C SER B 64 -6.91 -7.48 -10.19
N LEU B 65 -5.64 -7.85 -10.07
CA LEU B 65 -4.77 -8.02 -11.23
C LEU B 65 -3.80 -9.19 -11.14
N GLU B 66 -3.90 -10.06 -10.14
CA GLU B 66 -2.98 -11.18 -9.98
C GLU B 66 -3.44 -12.40 -10.76
N SER B 67 -2.79 -13.54 -10.53
CA SER B 67 -3.23 -14.84 -11.03
C SER B 67 -3.01 -14.98 -12.53
N ARG B 68 -2.52 -13.93 -13.16
CA ARG B 68 -2.07 -14.02 -14.55
C ARG B 68 -0.61 -13.62 -14.70
N LEU B 69 -0.09 -12.85 -13.76
CA LEU B 69 1.30 -12.45 -13.74
C LEU B 69 1.88 -12.82 -12.37
N THR B 70 3.20 -12.97 -12.31
CA THR B 70 3.84 -13.39 -11.07
C THR B 70 5.17 -12.66 -10.95
N LEU B 71 5.59 -12.42 -9.71
CA LEU B 71 6.78 -11.66 -9.39
C LEU B 71 7.82 -12.56 -8.75
N SER B 72 9.08 -12.29 -9.05
CA SER B 72 10.15 -13.19 -8.67
C SER B 72 11.33 -12.39 -8.15
N ILE B 73 12.26 -13.07 -7.48
CA ILE B 73 13.46 -12.45 -6.97
C ILE B 73 14.66 -13.29 -7.39
N ASP B 74 15.85 -12.69 -7.31
CA ASP B 74 17.08 -13.44 -7.51
C ASP B 74 18.21 -12.67 -6.84
N PRO B 75 18.54 -12.98 -5.59
CA PRO B 75 19.65 -12.28 -4.94
C PRO B 75 21.00 -12.64 -5.52
N SER B 76 21.03 -13.52 -6.52
CA SER B 76 22.29 -13.91 -7.14
C SER B 76 22.98 -12.70 -7.75
N LYS B 77 22.34 -12.11 -8.75
CA LYS B 77 22.79 -10.84 -9.30
C LYS B 77 21.89 -9.69 -8.89
N ASN B 78 21.31 -9.77 -7.70
CA ASN B 78 20.43 -8.73 -7.15
C ASN B 78 19.19 -8.55 -8.03
N GLN B 79 18.99 -9.53 -8.91
CA GLN B 79 18.05 -9.48 -10.01
C GLN B 79 16.69 -9.96 -9.53
N PHE B 80 15.66 -9.66 -10.33
CA PHE B 80 14.30 -10.10 -10.04
C PHE B 80 13.46 -9.85 -11.29
N SER B 81 12.43 -10.67 -11.51
CA SER B 81 11.83 -10.73 -12.84
C SER B 81 10.32 -10.74 -12.72
N LEU B 82 9.66 -10.59 -13.87
CA LEU B 82 8.21 -10.54 -13.97
C LEU B 82 7.71 -11.67 -14.87
N ILE B 83 6.79 -12.46 -14.35
CA ILE B 83 6.14 -13.52 -15.12
C ILE B 83 4.84 -12.98 -15.68
N LEU B 84 4.51 -13.38 -16.91
CA LEU B 84 3.30 -12.92 -17.59
C LEU B 84 2.70 -14.06 -18.38
N SER B 85 1.41 -14.33 -18.17
CA SER B 85 0.72 -15.34 -18.95
C SER B 85 -0.78 -15.10 -18.90
N SER B 86 -1.51 -15.62 -19.89
CA SER B 86 -2.94 -15.42 -20.07
C SER B 86 -3.27 -13.94 -20.12
N VAL B 87 -2.46 -13.12 -20.79
CA VAL B 87 -2.65 -11.69 -20.87
C VAL B 87 -3.52 -11.39 -22.08
N THR B 88 -4.22 -10.26 -22.05
CA THR B 88 -5.00 -9.77 -23.16
C THR B 88 -4.30 -8.54 -23.75
N ALA B 89 -4.86 -8.02 -24.83
CA ALA B 89 -4.32 -6.79 -25.42
C ALA B 89 -4.53 -5.59 -24.51
N ALA B 90 -5.43 -5.70 -23.53
CA ALA B 90 -5.76 -4.56 -22.67
C ALA B 90 -4.58 -4.11 -21.82
N ASP B 91 -3.48 -4.86 -21.83
CA ASP B 91 -2.31 -4.50 -21.04
C ASP B 91 -1.09 -4.22 -21.89
N THR B 92 -1.23 -4.15 -23.21
CA THR B 92 -0.19 -3.57 -24.06
C THR B 92 0.29 -2.26 -23.45
N ALA B 93 1.59 -2.19 -23.15
CA ALA B 93 2.05 -1.05 -22.37
C ALA B 93 3.58 -1.00 -22.40
N VAL B 94 4.14 -0.11 -21.60
CA VAL B 94 5.55 -0.11 -21.24
C VAL B 94 5.59 -0.23 -19.72
N TYR B 95 6.17 -1.31 -19.22
CA TYR B 95 6.15 -1.60 -17.80
C TYR B 95 7.39 -1.04 -17.14
N TYR B 96 7.29 -0.82 -15.83
CA TYR B 96 8.42 -0.28 -15.09
C TYR B 96 8.53 -0.96 -13.72
N CYS B 97 9.64 -1.68 -13.56
CA CYS B 97 10.08 -2.14 -12.26
C CYS B 97 11.13 -1.18 -11.77
N ALA B 98 10.99 -0.75 -10.52
CA ALA B 98 11.84 0.33 -10.06
C ALA B 98 12.14 0.13 -8.58
N ARG B 99 13.31 0.62 -8.15
CA ARG B 99 13.81 0.45 -6.81
C ARG B 99 12.99 1.27 -5.82
N GLN B 100 12.23 0.58 -4.98
CA GLN B 100 11.45 1.22 -3.92
C GLN B 100 12.39 1.41 -2.74
N ALA B 101 13.52 2.07 -3.00
CA ALA B 101 14.48 2.29 -1.93
C ALA B 101 13.84 3.09 -0.81
N ASP B 102 13.67 2.44 0.34
CA ASP B 102 13.11 3.08 1.52
C ASP B 102 11.72 3.60 1.25
N ASN B 103 10.96 2.87 0.43
CA ASN B 103 9.53 3.11 0.23
C ASN B 103 9.25 4.40 -0.57
N TRP B 104 10.06 4.63 -1.60
CA TRP B 104 9.79 5.63 -2.63
C TRP B 104 10.55 5.25 -3.89
N PHE B 105 9.84 5.14 -5.00
CA PHE B 105 10.41 4.58 -6.22
C PHE B 105 11.38 5.58 -6.85
N ASP B 106 12.51 5.78 -6.18
CA ASP B 106 13.33 6.92 -6.53
C ASP B 106 14.03 6.76 -7.87
N PRO B 107 14.89 5.77 -8.08
CA PRO B 107 15.58 5.70 -9.38
C PRO B 107 14.81 4.84 -10.36
N TRP B 108 14.52 5.39 -11.54
CA TRP B 108 13.79 4.64 -12.56
C TRP B 108 14.65 4.46 -13.80
N GLY B 109 14.36 3.45 -14.61
CA GLY B 109 15.22 3.12 -15.72
C GLY B 109 14.58 3.31 -17.08
N GLN B 110 15.34 3.02 -18.14
CA GLN B 110 14.80 3.11 -19.49
C GLN B 110 13.50 2.32 -19.63
N GLY B 111 13.53 1.05 -19.23
CA GLY B 111 12.41 0.16 -19.46
C GLY B 111 12.18 -0.15 -20.92
N THR B 112 11.11 -0.88 -21.22
CA THR B 112 10.81 -1.26 -22.59
C THR B 112 9.32 -1.55 -22.68
N LEU B 113 8.74 -1.19 -23.83
CA LEU B 113 7.32 -1.33 -24.08
C LEU B 113 6.94 -2.75 -24.46
N VAL B 114 5.72 -3.17 -24.09
CA VAL B 114 5.22 -4.49 -24.46
C VAL B 114 3.95 -4.32 -25.28
N THR B 115 3.89 -5.01 -26.41
CA THR B 115 2.79 -4.88 -27.35
C THR B 115 2.07 -6.22 -27.43
N VAL B 116 0.86 -6.29 -26.88
CA VAL B 116 0.05 -7.49 -26.96
C VAL B 116 -0.76 -7.36 -28.25
N SER B 117 -0.13 -7.70 -29.37
CA SER B 117 -0.79 -7.65 -30.66
C SER B 117 -1.38 -8.99 -31.04
N SER B 118 -1.82 -9.10 -32.29
CA SER B 118 -2.28 -10.37 -32.83
C SER B 118 -1.71 -10.71 -34.20
N ALA B 119 -1.24 -9.75 -34.98
CA ALA B 119 -0.74 -10.01 -36.31
C ALA B 119 0.77 -9.94 -36.35
N SER B 120 1.33 -10.49 -37.41
CA SER B 120 2.78 -10.51 -37.57
C SER B 120 3.26 -9.22 -38.23
N THR B 121 4.51 -9.24 -38.65
CA THR B 121 5.09 -8.10 -39.35
C THR B 121 4.33 -7.82 -40.63
N LYS B 122 4.60 -6.65 -41.22
CA LYS B 122 3.95 -6.25 -42.45
C LYS B 122 4.73 -5.11 -43.05
N GLY B 123 5.04 -5.22 -44.34
CA GLY B 123 5.61 -4.11 -45.06
C GLY B 123 4.63 -2.96 -45.06
N PRO B 124 5.12 -1.74 -44.89
CA PRO B 124 4.22 -0.59 -44.87
C PRO B 124 3.64 -0.29 -46.23
N SER B 125 2.41 0.19 -46.27
CA SER B 125 1.76 0.56 -47.52
C SER B 125 1.69 2.07 -47.61
N VAL B 126 2.49 2.65 -48.49
CA VAL B 126 2.51 4.08 -48.70
C VAL B 126 1.36 4.46 -49.63
N PHE B 127 0.73 5.60 -49.35
CA PHE B 127 -0.29 6.08 -50.24
C PHE B 127 0.01 7.55 -50.48
N PRO B 128 -0.11 8.02 -51.71
CA PRO B 128 0.06 9.45 -51.97
C PRO B 128 -1.19 10.23 -51.55
N LEU B 129 -0.96 11.50 -51.24
CA LEU B 129 -2.05 12.42 -50.90
C LEU B 129 -1.68 13.77 -51.47
N ALA B 130 -2.36 14.18 -52.54
CA ALA B 130 -1.95 15.36 -53.27
C ALA B 130 -3.06 16.39 -53.31
N PRO B 131 -2.73 17.64 -53.07
CA PRO B 131 -3.70 18.72 -53.24
C PRO B 131 -3.76 19.16 -54.70
N SER B 132 -4.52 20.23 -54.93
CA SER B 132 -4.66 20.80 -56.26
C SER B 132 -5.22 22.21 -56.12
N SER B 133 -5.58 22.81 -57.25
CA SER B 133 -6.11 24.16 -57.26
C SER B 133 -7.62 24.17 -57.01
N LYS B 134 -8.14 23.07 -56.46
CA LYS B 134 -9.57 23.00 -56.16
C LYS B 134 -9.98 24.04 -55.13
N SER B 135 -9.27 24.09 -54.00
CA SER B 135 -9.49 25.13 -52.99
C SER B 135 -8.17 25.82 -52.69
N THR B 136 -7.45 26.21 -53.75
CA THR B 136 -6.08 26.69 -53.61
C THR B 136 -6.01 27.91 -52.70
N SER B 137 -4.82 28.12 -52.12
CA SER B 137 -4.53 29.26 -51.26
C SER B 137 -5.41 29.27 -50.02
N GLY B 138 -5.45 28.16 -49.28
CA GLY B 138 -6.06 28.14 -47.97
C GLY B 138 -5.08 28.70 -46.95
N GLY B 139 -4.80 30.00 -47.07
CA GLY B 139 -3.63 30.57 -46.44
C GLY B 139 -2.41 30.23 -47.26
N THR B 140 -2.11 28.93 -47.32
CA THR B 140 -1.07 28.42 -48.19
C THR B 140 -1.43 26.97 -48.53
N ALA B 141 -0.48 26.23 -49.10
CA ALA B 141 -0.72 24.85 -49.54
C ALA B 141 -0.17 23.90 -48.49
N ALA B 142 -1.03 23.02 -47.99
CA ALA B 142 -0.62 21.96 -47.07
C ALA B 142 -0.94 20.61 -47.70
N LEU B 143 0.09 19.92 -48.19
CA LEU B 143 -0.05 18.62 -48.81
C LEU B 143 0.17 17.52 -47.78
N GLY B 144 -0.66 16.48 -47.86
CA GLY B 144 -0.61 15.41 -46.88
C GLY B 144 0.00 14.11 -47.38
N CYS B 145 0.15 13.13 -46.49
CA CYS B 145 0.65 11.81 -46.87
C CYS B 145 0.11 10.74 -45.93
N LEU B 146 -0.37 9.64 -46.48
CA LEU B 146 -0.91 8.55 -45.69
C LEU B 146 -0.10 7.29 -45.91
N VAL B 147 0.39 6.73 -44.82
CA VAL B 147 0.99 5.40 -44.83
C VAL B 147 0.23 4.54 -43.84
N LYS B 148 -0.12 3.33 -44.24
CA LYS B 148 -0.94 2.47 -43.40
C LYS B 148 -0.58 1.02 -43.68
N ASP B 149 -1.26 0.12 -42.97
CA ASP B 149 -1.14 -1.33 -43.19
C ASP B 149 0.30 -1.78 -42.98
N TYR B 150 0.75 -1.63 -41.75
CA TYR B 150 2.12 -1.94 -41.37
C TYR B 150 2.13 -2.41 -39.93
N PHE B 151 3.19 -3.11 -39.54
CA PHE B 151 3.38 -3.54 -38.17
C PHE B 151 4.80 -4.06 -37.95
N PRO B 152 5.43 -3.77 -36.80
CA PRO B 152 4.94 -2.86 -35.76
C PRO B 152 5.70 -1.54 -35.72
N GLU B 153 5.31 -0.65 -34.79
CA GLU B 153 5.96 0.64 -34.62
C GLU B 153 7.45 0.45 -34.39
N PRO B 154 8.28 1.43 -34.77
CA PRO B 154 7.88 2.70 -35.36
C PRO B 154 7.70 2.60 -36.85
N VAL B 155 7.68 3.75 -37.52
CA VAL B 155 7.68 3.79 -38.98
C VAL B 155 8.22 5.14 -39.40
N THR B 156 9.15 5.11 -40.36
CA THR B 156 9.80 6.34 -40.80
C THR B 156 8.80 7.29 -41.43
N VAL B 157 8.91 8.58 -41.12
CA VAL B 157 8.13 9.62 -41.77
C VAL B 157 9.00 10.84 -42.00
N SER B 158 9.39 11.06 -43.24
CA SER B 158 10.25 12.18 -43.61
C SER B 158 9.77 12.69 -44.96
N TRP B 159 10.57 13.54 -45.60
CA TRP B 159 10.12 14.22 -46.82
C TRP B 159 11.32 14.59 -47.67
N ASN B 160 11.42 13.98 -48.85
CA ASN B 160 12.40 14.36 -49.87
C ASN B 160 13.83 14.33 -49.33
N SER B 161 14.26 13.13 -48.95
CA SER B 161 15.62 12.90 -48.44
C SER B 161 15.90 13.75 -47.21
N GLY B 162 14.85 14.08 -46.46
CA GLY B 162 15.01 14.87 -45.25
C GLY B 162 15.57 16.26 -45.50
N ALA B 163 15.36 16.79 -46.70
CA ALA B 163 15.91 18.11 -47.04
C ALA B 163 15.32 19.21 -46.17
N LEU B 164 14.01 19.45 -46.31
CA LEU B 164 13.36 20.51 -45.54
C LEU B 164 12.23 19.92 -44.71
N THR B 165 12.53 19.64 -43.45
CA THR B 165 11.54 19.22 -42.48
C THR B 165 10.75 20.38 -41.89
N SER B 166 10.92 21.59 -42.44
CA SER B 166 10.26 22.75 -41.89
C SER B 166 8.74 22.62 -41.98
N GLY B 167 8.07 22.89 -40.86
CA GLY B 167 6.62 22.92 -40.83
C GLY B 167 5.95 21.57 -41.00
N VAL B 168 6.71 20.49 -41.03
CA VAL B 168 6.13 19.16 -41.12
C VAL B 168 5.50 18.83 -39.78
N HIS B 169 4.44 18.04 -39.79
CA HIS B 169 3.76 17.65 -38.57
C HIS B 169 3.16 16.27 -38.76
N THR B 170 3.90 15.25 -38.33
CA THR B 170 3.38 13.88 -38.27
C THR B 170 2.49 13.77 -37.04
N PHE B 171 2.05 12.57 -36.76
CA PHE B 171 1.12 12.43 -35.65
C PHE B 171 1.45 11.15 -34.87
N PRO B 172 0.96 11.00 -33.65
CA PRO B 172 1.09 9.71 -32.99
C PRO B 172 0.21 8.69 -33.67
N ALA B 173 0.72 7.48 -33.88
CA ALA B 173 -0.02 6.46 -34.59
C ALA B 173 -1.18 5.97 -33.75
N VAL B 174 -2.24 5.55 -34.43
CA VAL B 174 -3.43 5.02 -33.79
C VAL B 174 -3.67 3.60 -34.28
N LEU B 175 -4.04 2.71 -33.37
CA LEU B 175 -4.24 1.31 -33.71
C LEU B 175 -5.50 1.13 -34.53
N GLN B 176 -5.37 0.62 -35.75
CA GLN B 176 -6.54 0.33 -36.56
C GLN B 176 -7.28 -0.86 -35.97
N SER B 177 -8.61 -0.77 -35.93
CA SER B 177 -9.42 -1.71 -35.17
C SER B 177 -9.17 -3.15 -35.57
N SER B 178 -8.91 -3.39 -36.85
CA SER B 178 -8.71 -4.78 -37.26
C SER B 178 -7.30 -5.28 -37.00
N GLY B 179 -6.51 -4.62 -36.16
CA GLY B 179 -5.18 -5.10 -35.83
C GLY B 179 -4.11 -4.52 -36.72
N LEU B 180 -4.15 -3.20 -36.91
CA LEU B 180 -3.10 -2.48 -37.60
C LEU B 180 -2.94 -1.14 -36.92
N TYR B 181 -2.07 -0.30 -37.47
CA TYR B 181 -1.80 1.02 -36.91
C TYR B 181 -1.86 2.05 -38.02
N SER B 182 -2.39 3.23 -37.69
CA SER B 182 -2.61 4.26 -38.69
C SER B 182 -2.03 5.57 -38.18
N LEU B 183 -1.60 6.41 -39.12
CA LEU B 183 -0.94 7.67 -38.83
C LEU B 183 -1.10 8.57 -40.06
N SER B 184 -0.37 9.66 -40.09
CA SER B 184 -0.37 10.56 -41.25
C SER B 184 0.92 11.37 -41.23
N SER B 185 1.14 12.16 -42.27
CA SER B 185 2.31 13.02 -42.36
C SER B 185 2.01 14.11 -43.37
N VAL B 186 2.03 15.36 -42.89
CA VAL B 186 1.60 16.48 -43.69
C VAL B 186 2.59 17.63 -43.55
N VAL B 187 2.92 18.24 -44.68
CA VAL B 187 3.75 19.42 -44.76
C VAL B 187 2.87 20.58 -45.22
N THR B 188 3.42 21.79 -45.17
CA THR B 188 2.68 22.97 -45.58
C THR B 188 3.59 23.87 -46.39
N VAL B 189 3.23 24.10 -47.64
CA VAL B 189 4.12 24.73 -48.61
C VAL B 189 3.40 25.94 -49.22
N PRO B 190 4.12 26.79 -49.96
CA PRO B 190 3.45 27.89 -50.66
C PRO B 190 2.37 27.39 -51.59
N SER B 191 1.29 28.16 -51.68
CA SER B 191 0.12 27.77 -52.47
C SER B 191 0.49 27.41 -53.89
N SER B 192 1.34 28.21 -54.53
CA SER B 192 1.67 28.02 -55.92
C SER B 192 3.06 27.41 -56.13
N SER B 193 3.70 26.91 -55.08
CA SER B 193 4.99 26.25 -55.19
C SER B 193 4.89 24.85 -55.77
N LEU B 194 3.71 24.41 -56.17
CA LEU B 194 3.53 23.06 -56.65
C LEU B 194 3.77 22.99 -58.16
N GLY B 195 4.29 21.84 -58.59
CA GLY B 195 4.63 21.64 -59.98
C GLY B 195 5.97 22.15 -60.41
N THR B 196 6.61 23.00 -59.61
CA THR B 196 7.94 23.50 -59.97
C THR B 196 9.05 22.61 -59.43
N GLN B 197 8.87 22.07 -58.22
CA GLN B 197 9.84 21.16 -57.63
C GLN B 197 9.14 19.87 -57.20
N THR B 198 9.87 19.00 -56.52
CA THR B 198 9.35 17.68 -56.15
C THR B 198 8.92 17.64 -54.69
N TYR B 199 7.97 16.75 -54.40
CA TYR B 199 7.46 16.55 -53.04
C TYR B 199 7.20 15.06 -52.87
N ILE B 200 8.06 14.40 -52.12
CA ILE B 200 8.02 12.94 -51.99
C ILE B 200 7.92 12.59 -50.52
N CYS B 201 7.00 11.68 -50.19
CA CYS B 201 6.98 11.11 -48.86
C CYS B 201 8.21 10.24 -48.65
N ASN B 202 8.45 9.91 -47.39
CA ASN B 202 9.50 8.95 -47.01
C ASN B 202 8.98 8.14 -45.83
N VAL B 203 8.53 6.93 -46.11
CA VAL B 203 8.07 6.01 -45.07
C VAL B 203 8.83 4.71 -45.20
N ASN B 204 9.22 4.16 -44.06
CA ASN B 204 9.98 2.91 -44.06
C ASN B 204 9.84 2.25 -42.71
N HIS B 205 9.26 1.05 -42.70
CA HIS B 205 9.13 0.25 -41.50
C HIS B 205 10.18 -0.85 -41.57
N LYS B 206 11.35 -0.54 -41.03
CA LYS B 206 12.55 -1.38 -41.11
C LYS B 206 12.32 -2.83 -40.67
N PRO B 207 11.56 -3.11 -39.61
CA PRO B 207 11.34 -4.52 -39.24
C PRO B 207 10.80 -5.38 -40.37
N SER B 208 10.15 -4.78 -41.35
CA SER B 208 9.84 -5.49 -42.58
C SER B 208 10.79 -5.12 -43.72
N ASN B 209 11.64 -4.12 -43.52
CA ASN B 209 12.64 -3.70 -44.50
C ASN B 209 12.00 -3.43 -45.86
N THR B 210 11.12 -2.44 -45.86
CA THR B 210 10.38 -2.02 -47.06
C THR B 210 10.54 -0.51 -47.19
N LYS B 211 11.60 -0.08 -47.86
CA LYS B 211 11.89 1.34 -48.07
C LYS B 211 11.30 1.76 -49.42
N VAL B 212 10.09 2.30 -49.36
CA VAL B 212 9.35 2.70 -50.55
C VAL B 212 9.14 4.22 -50.54
N ASP B 213 9.25 4.81 -51.72
CA ASP B 213 9.03 6.24 -51.91
C ASP B 213 7.99 6.44 -53.00
N LYS B 214 7.19 7.48 -52.85
CA LYS B 214 6.15 7.83 -53.83
C LYS B 214 6.40 9.26 -54.31
N ARG B 215 6.80 9.40 -55.57
CA ARG B 215 7.01 10.71 -56.19
C ARG B 215 5.64 11.35 -56.36
N VAL B 216 5.27 12.17 -55.39
CA VAL B 216 3.95 12.77 -55.36
C VAL B 216 3.98 14.10 -56.11
N GLU B 217 3.01 14.26 -57.01
CA GLU B 217 2.77 15.52 -57.70
C GLU B 217 1.31 15.86 -57.47
N PRO B 218 0.97 17.14 -57.38
CA PRO B 218 -0.44 17.50 -57.20
C PRO B 218 -1.23 17.17 -58.45
N LYS B 219 -2.05 16.13 -58.37
CA LYS B 219 -2.76 15.61 -59.53
C LYS B 219 -3.98 16.47 -59.82
N SER B 220 -4.10 16.91 -61.06
CA SER B 220 -5.25 17.70 -61.50
C SER B 220 -5.62 17.27 -62.91
N CYS B 221 -6.84 16.78 -63.06
CA CYS B 221 -7.34 16.30 -64.34
C CYS B 221 -7.51 17.44 -65.34
N ILE C 1 -11.79 6.42 1.78
CA ILE C 1 -11.82 6.52 0.33
C ILE C 1 -10.43 6.39 -0.25
N MET C 2 -10.31 6.71 -1.53
CA MET C 2 -9.04 6.83 -2.21
C MET C 2 -8.94 8.21 -2.87
N MET C 3 -7.94 8.37 -3.73
CA MET C 3 -7.62 9.70 -4.25
C MET C 3 -8.72 10.20 -5.18
N THR C 4 -8.86 11.54 -5.22
CA THR C 4 -9.69 12.21 -6.20
C THR C 4 -9.09 13.59 -6.47
N GLN C 5 -8.94 13.92 -7.73
CA GLN C 5 -8.35 15.20 -8.13
C GLN C 5 -9.37 16.32 -8.04
N SER C 6 -9.15 17.25 -7.11
CA SER C 6 -10.04 18.39 -6.89
C SER C 6 -9.18 19.63 -6.69
N PRO C 7 -8.91 20.40 -7.77
CA PRO C 7 -9.35 20.14 -9.14
C PRO C 7 -8.36 19.30 -9.93
N ALA C 8 -8.50 19.32 -11.26
CA ALA C 8 -7.62 18.58 -12.15
C ALA C 8 -7.16 19.42 -13.34
N THR C 9 -6.81 20.69 -13.11
CA THR C 9 -6.56 21.59 -14.21
C THR C 9 -5.25 22.34 -13.98
N LEU C 10 -4.87 23.12 -14.99
CA LEU C 10 -3.64 23.90 -14.96
C LEU C 10 -3.74 24.95 -16.06
N SER C 11 -3.25 26.15 -15.75
CA SER C 11 -3.17 27.21 -16.74
C SER C 11 -2.04 28.14 -16.33
N VAL C 12 -0.88 28.00 -16.97
CA VAL C 12 0.32 28.74 -16.57
C VAL C 12 1.04 29.22 -17.82
N SER C 13 1.99 30.12 -17.64
CA SER C 13 2.84 30.69 -18.67
C SER C 13 4.28 30.52 -18.23
N PRO C 14 5.28 30.73 -19.09
CA PRO C 14 6.67 30.70 -18.62
C PRO C 14 6.91 31.72 -17.52
N GLY C 15 7.29 31.24 -16.35
CA GLY C 15 7.64 32.13 -15.25
C GLY C 15 6.73 32.05 -14.04
N GLU C 16 5.43 31.83 -14.25
CA GLU C 16 4.46 31.97 -13.18
C GLU C 16 4.52 30.75 -12.25
N ARG C 17 3.54 30.69 -11.35
CA ARG C 17 3.48 29.68 -10.30
C ARG C 17 2.47 28.62 -10.67
N ALA C 18 2.85 27.36 -10.50
CA ALA C 18 1.94 26.24 -10.68
C ALA C 18 1.13 26.00 -9.41
N THR C 19 -0.08 25.47 -9.60
CA THR C 19 -0.97 25.20 -8.48
C THR C 19 -1.75 23.93 -8.76
N LEU C 20 -1.49 22.89 -7.95
CA LEU C 20 -2.17 21.62 -8.10
C LEU C 20 -2.90 21.29 -6.81
N SER C 21 -3.64 20.19 -6.81
CA SER C 21 -4.37 19.76 -5.63
C SER C 21 -4.66 18.27 -5.73
N CYS C 22 -5.15 17.69 -4.64
CA CYS C 22 -5.64 16.32 -4.61
C CYS C 22 -6.76 16.25 -3.59
N ARG C 23 -7.11 15.02 -3.21
CA ARG C 23 -8.04 14.75 -2.12
C ARG C 23 -8.10 13.25 -1.91
N ALA C 24 -8.32 12.84 -0.67
CA ALA C 24 -8.40 11.44 -0.30
C ALA C 24 -8.95 11.37 1.13
N SER C 25 -8.87 10.19 1.73
CA SER C 25 -9.09 10.05 3.17
C SER C 25 -7.76 10.27 3.90
N GLN C 26 -7.78 10.12 5.22
CA GLN C 26 -6.62 10.46 6.03
C GLN C 26 -6.31 9.46 7.14
N SER C 27 -6.84 8.23 7.07
CA SER C 27 -6.55 7.25 8.11
C SER C 27 -5.05 7.03 8.27
N VAL C 28 -4.31 7.10 7.17
CA VAL C 28 -2.87 7.29 7.20
C VAL C 28 -2.65 8.75 6.82
N GLY C 29 -2.59 9.63 7.82
CA GLY C 29 -2.44 11.05 7.55
C GLY C 29 -1.03 11.39 7.13
N SER C 30 -0.52 10.64 6.15
CA SER C 30 0.89 10.72 5.82
C SER C 30 1.15 11.78 4.77
N ASP C 31 2.12 12.63 5.06
CA ASP C 31 2.78 13.43 4.06
C ASP C 31 3.33 12.49 2.99
N LEU C 32 3.30 12.93 1.74
CA LEU C 32 3.42 12.00 0.61
C LEU C 32 4.32 12.63 -0.45
N ALA C 33 4.32 12.05 -1.64
CA ALA C 33 5.30 12.38 -2.67
C ALA C 33 4.59 12.94 -3.89
N TRP C 34 5.37 13.47 -4.83
CA TRP C 34 4.85 14.01 -6.08
C TRP C 34 5.82 13.62 -7.20
N TYR C 35 5.26 13.07 -8.28
CA TYR C 35 6.04 12.51 -9.37
C TYR C 35 5.83 13.30 -10.66
N GLN C 36 6.94 13.81 -11.20
CA GLN C 36 6.96 14.41 -12.52
C GLN C 36 7.34 13.35 -13.54
N GLN C 37 7.10 13.64 -14.81
CA GLN C 37 7.43 12.67 -15.85
C GLN C 37 7.78 13.38 -17.16
N LYS C 38 9.08 13.57 -17.38
CA LYS C 38 9.51 14.09 -18.67
C LYS C 38 9.11 13.13 -19.77
N PRO C 39 8.63 13.64 -20.91
CA PRO C 39 8.14 12.74 -21.97
C PRO C 39 9.21 11.83 -22.54
N GLY C 40 10.40 12.39 -22.78
CA GLY C 40 11.45 11.66 -23.47
C GLY C 40 11.97 10.43 -22.75
N GLN C 41 11.76 10.33 -21.44
CA GLN C 41 12.24 9.19 -20.68
C GLN C 41 11.23 8.81 -19.60
N ALA C 42 11.67 7.95 -18.70
CA ALA C 42 10.79 7.42 -17.68
C ALA C 42 10.51 8.47 -16.62
N PRO C 43 9.40 8.35 -15.90
CA PRO C 43 9.10 9.31 -14.84
C PRO C 43 10.11 9.25 -13.70
N ARG C 44 10.04 10.22 -12.80
CA ARG C 44 10.86 10.23 -11.59
C ARG C 44 10.12 11.01 -10.52
N LEU C 45 10.72 11.04 -9.33
CA LEU C 45 10.06 11.74 -8.24
C LEU C 45 10.55 13.19 -8.17
N LEU C 46 9.71 14.03 -7.58
CA LEU C 46 10.06 15.43 -7.37
C LEU C 46 10.13 15.76 -5.89
N ILE C 47 9.24 15.21 -5.07
CA ILE C 47 9.24 15.51 -3.65
C ILE C 47 8.80 14.28 -2.88
N TYR C 48 8.93 14.33 -1.55
CA TYR C 48 8.44 13.30 -0.65
C TYR C 48 8.24 13.95 0.71
N GLY C 49 7.08 13.69 1.30
CA GLY C 49 6.66 14.48 2.42
C GLY C 49 6.42 15.92 1.99
N ALA C 50 6.22 16.12 0.69
CA ALA C 50 5.78 17.37 0.11
C ALA C 50 6.76 18.52 0.30
N SER C 51 7.85 18.28 1.03
CA SER C 51 8.81 19.35 1.28
C SER C 51 10.25 18.97 0.98
N TYR C 52 10.64 17.71 1.15
CA TYR C 52 12.04 17.31 1.07
C TYR C 52 12.33 16.83 -0.34
N ARG C 53 13.13 17.59 -1.08
CA ARG C 53 13.50 17.20 -2.43
C ARG C 53 14.48 16.02 -2.35
N ALA C 54 14.84 15.48 -3.50
CA ALA C 54 15.91 14.50 -3.55
C ALA C 54 17.09 15.15 -4.26
N THR C 55 18.19 14.43 -4.38
CA THR C 55 19.41 15.00 -4.94
C THR C 55 19.19 15.47 -6.38
N GLY C 56 20.01 16.41 -6.80
CA GLY C 56 19.96 16.93 -8.16
C GLY C 56 18.72 17.75 -8.47
N ILE C 57 17.75 17.73 -7.58
CA ILE C 57 16.49 18.43 -7.77
C ILE C 57 16.64 19.87 -7.27
N PRO C 58 16.67 20.86 -8.16
CA PRO C 58 16.70 22.26 -7.70
C PRO C 58 15.46 22.56 -6.88
N ALA C 59 15.67 23.27 -5.77
CA ALA C 59 14.65 23.45 -4.74
C ALA C 59 13.49 24.35 -5.16
N ARG C 60 13.36 24.73 -6.43
CA ARG C 60 12.31 25.65 -6.85
C ARG C 60 10.91 25.06 -6.69
N PHE C 61 10.81 23.84 -6.19
CA PHE C 61 9.55 23.17 -6.00
C PHE C 61 9.27 23.05 -4.51
N SER C 62 8.00 22.83 -4.16
CA SER C 62 7.60 22.69 -2.77
C SER C 62 6.17 22.21 -2.67
N GLY C 63 5.69 22.01 -1.44
CA GLY C 63 4.32 21.61 -1.24
C GLY C 63 4.00 21.54 0.24
N GLY C 64 2.72 21.39 0.53
CA GLY C 64 2.25 21.37 1.90
C GLY C 64 0.79 21.00 2.04
N GLY C 65 0.32 20.83 3.27
CA GLY C 65 -1.03 20.37 3.49
C GLY C 65 -1.15 19.69 4.85
N SER C 66 -2.32 19.11 5.08
CA SER C 66 -2.62 18.48 6.35
C SER C 66 -3.27 17.12 6.12
N GLY C 67 -3.25 16.29 7.16
CA GLY C 67 -3.71 14.92 7.04
C GLY C 67 -3.00 14.17 5.94
N THR C 68 -3.76 13.67 4.96
CA THR C 68 -3.18 13.15 3.73
C THR C 68 -3.47 14.09 2.56
N GLU C 69 -4.55 14.88 2.64
CA GLU C 69 -4.88 15.89 1.65
C GLU C 69 -3.70 16.86 1.56
N PHE C 70 -3.14 16.99 0.36
CA PHE C 70 -1.99 17.86 0.18
C PHE C 70 -2.08 18.57 -1.16
N THR C 71 -1.40 19.70 -1.25
CA THR C 71 -1.24 20.46 -2.48
C THR C 71 0.21 20.89 -2.59
N LEU C 72 0.55 21.54 -3.69
CA LEU C 72 1.92 21.96 -3.90
C LEU C 72 1.95 23.10 -4.92
N THR C 73 3.05 23.83 -4.92
CA THR C 73 3.27 24.90 -5.89
C THR C 73 4.66 24.76 -6.50
N ILE C 74 4.82 25.30 -7.70
CA ILE C 74 6.09 25.31 -8.41
C ILE C 74 6.22 26.66 -9.10
N SER C 75 7.29 27.39 -8.80
CA SER C 75 7.48 28.74 -9.30
C SER C 75 8.60 28.71 -10.35
N SER C 76 8.56 29.69 -11.26
CA SER C 76 9.58 29.88 -12.28
C SER C 76 9.81 28.61 -13.09
N MET C 77 8.76 28.20 -13.79
CA MET C 77 8.81 27.00 -14.62
C MET C 77 9.42 27.32 -15.98
N GLN C 78 10.15 26.34 -16.51
CA GLN C 78 10.70 26.41 -17.86
C GLN C 78 10.03 25.28 -18.65
N SER C 79 9.54 25.61 -19.85
CA SER C 79 8.86 24.67 -20.73
C SER C 79 9.60 23.34 -20.80
N GLU C 80 10.93 23.40 -20.84
CA GLU C 80 11.74 22.19 -20.88
C GLU C 80 11.55 21.32 -19.63
N ASP C 81 10.93 21.85 -18.59
CA ASP C 81 10.76 21.14 -17.32
C ASP C 81 9.28 21.03 -16.95
N PHE C 82 8.44 20.62 -17.89
CA PHE C 82 6.99 20.68 -17.71
C PHE C 82 6.35 19.40 -18.23
N ALA C 83 5.49 18.80 -17.40
CA ALA C 83 4.72 17.61 -17.75
C ALA C 83 3.78 17.30 -16.60
N VAL C 84 2.90 16.32 -16.83
CA VAL C 84 1.89 15.98 -15.84
C VAL C 84 2.56 15.44 -14.59
N TYR C 85 1.98 15.73 -13.43
CA TYR C 85 2.47 15.28 -12.14
C TYR C 85 1.49 14.27 -11.56
N TYR C 86 1.81 13.73 -10.39
CA TYR C 86 0.96 12.69 -9.79
C TYR C 86 1.19 12.65 -8.29
N CYS C 87 0.09 12.50 -7.56
CA CYS C 87 0.13 12.47 -6.11
C CYS C 87 -0.36 11.13 -5.57
N GLN C 88 0.07 10.82 -4.35
CA GLN C 88 0.11 9.46 -3.81
C GLN C 88 -1.01 9.23 -2.81
N GLN C 89 -0.97 8.05 -2.19
CA GLN C 89 -1.76 7.72 -1.01
C GLN C 89 -0.88 6.75 -0.20
N TYR C 90 -1.36 6.29 0.94
CA TYR C 90 -0.64 5.28 1.72
C TYR C 90 -1.55 4.09 2.01
N TYR C 91 -1.61 3.18 1.04
CA TYR C 91 -2.25 1.88 1.21
C TYR C 91 -1.34 1.00 2.04
N ASN C 92 -1.96 0.13 2.84
CA ASN C 92 -1.16 -0.62 3.78
C ASN C 92 -0.55 -1.87 3.14
N TRP C 93 0.09 -1.68 2.01
CA TRP C 93 0.96 -2.63 1.34
C TRP C 93 1.71 -1.73 0.38
N PRO C 94 2.43 -0.75 0.91
CA PRO C 94 2.55 0.54 0.24
C PRO C 94 3.64 0.56 -0.82
N PRO C 95 3.26 0.43 -2.09
CA PRO C 95 3.45 1.54 -3.02
C PRO C 95 2.23 2.44 -2.91
N TYR C 96 2.31 3.57 -3.57
CA TYR C 96 1.28 4.58 -3.37
C TYR C 96 0.28 4.60 -4.52
N THR C 97 -0.98 4.27 -4.21
CA THR C 97 -2.04 4.27 -5.20
C THR C 97 -2.16 5.66 -5.82
N PHE C 98 -1.97 5.77 -7.13
CA PHE C 98 -1.71 7.05 -7.74
C PHE C 98 -2.97 7.89 -7.84
N GLY C 99 -2.78 9.21 -7.88
CA GLY C 99 -3.82 10.14 -8.27
C GLY C 99 -4.15 9.95 -9.73
N GLN C 100 -5.38 10.28 -10.10
CA GLN C 100 -5.86 9.99 -11.45
C GLN C 100 -5.06 10.76 -12.49
N GLY C 101 -4.92 12.08 -12.30
CA GLY C 101 -4.15 12.88 -13.23
C GLY C 101 -3.97 14.30 -12.75
N THR C 102 -2.96 14.96 -13.33
CA THR C 102 -2.75 16.40 -13.15
C THR C 102 -2.58 16.99 -14.55
N LYS C 103 -3.70 17.34 -15.16
CA LYS C 103 -3.69 17.90 -16.51
C LYS C 103 -2.88 19.18 -16.53
N VAL C 104 -2.06 19.33 -17.57
CA VAL C 104 -1.09 20.42 -17.65
C VAL C 104 -1.41 21.30 -18.86
N GLU C 105 -0.62 22.36 -19.03
CA GLU C 105 -0.90 23.38 -20.03
C GLU C 105 0.29 24.32 -20.23
N ILE C 106 0.60 24.63 -21.48
CA ILE C 106 1.46 25.74 -21.83
C ILE C 106 0.60 26.81 -22.50
N LYS C 107 0.78 28.07 -22.12
CA LYS C 107 -0.07 29.14 -22.62
C LYS C 107 0.56 29.81 -23.83
N ARG C 108 -0.20 29.91 -24.90
CA ARG C 108 0.18 30.62 -26.11
C ARG C 108 -0.94 31.59 -26.47
N THR C 109 -0.61 32.60 -27.27
CA THR C 109 -1.60 33.51 -27.81
C THR C 109 -2.76 32.73 -28.43
N VAL C 110 -3.96 32.91 -27.86
CA VAL C 110 -5.13 32.20 -28.36
C VAL C 110 -5.29 32.46 -29.85
N ALA C 111 -5.68 31.42 -30.59
CA ALA C 111 -5.77 31.53 -32.04
C ALA C 111 -6.66 30.42 -32.56
N ALA C 112 -7.35 30.71 -33.66
CA ALA C 112 -8.23 29.75 -34.31
C ALA C 112 -7.42 28.83 -35.23
N PRO C 113 -7.96 27.67 -35.61
CA PRO C 113 -7.21 26.77 -36.50
C PRO C 113 -7.35 27.15 -37.96
N SER C 114 -6.69 26.39 -38.84
CA SER C 114 -6.82 26.57 -40.29
C SER C 114 -7.01 25.18 -40.89
N VAL C 115 -8.26 24.75 -41.00
CA VAL C 115 -8.59 23.38 -41.36
C VAL C 115 -8.35 23.14 -42.83
N PHE C 116 -8.23 21.87 -43.19
CA PHE C 116 -8.09 21.42 -44.57
C PHE C 116 -9.05 20.26 -44.77
N ILE C 117 -9.14 19.76 -46.00
CA ILE C 117 -9.86 18.52 -46.31
C ILE C 117 -9.04 17.77 -47.36
N PHE C 118 -9.07 16.43 -47.31
CA PHE C 118 -8.39 15.59 -48.29
C PHE C 118 -9.25 14.40 -48.64
N PRO C 119 -9.45 14.13 -49.93
CA PRO C 119 -10.18 12.95 -50.34
C PRO C 119 -9.27 11.74 -50.37
N PRO C 120 -9.83 10.53 -50.45
CA PRO C 120 -8.99 9.34 -50.63
C PRO C 120 -8.37 9.31 -52.01
N SER C 121 -7.65 8.24 -52.33
CA SER C 121 -6.98 8.15 -53.62
C SER C 121 -7.15 6.73 -54.14
N ASP C 122 -6.38 6.39 -55.19
CA ASP C 122 -6.58 5.14 -55.93
C ASP C 122 -6.59 3.91 -55.04
N GLU C 123 -5.89 3.97 -53.91
CA GLU C 123 -5.79 2.79 -53.05
C GLU C 123 -7.16 2.30 -52.60
N GLN C 124 -8.06 3.21 -52.26
CA GLN C 124 -9.36 2.80 -51.73
C GLN C 124 -10.18 2.10 -52.81
N LEU C 125 -10.03 2.55 -54.05
CA LEU C 125 -10.54 1.77 -55.17
C LEU C 125 -9.91 0.39 -55.20
N LYS C 126 -8.59 0.34 -55.09
CA LYS C 126 -7.91 -0.96 -55.08
C LYS C 126 -8.08 -1.67 -53.74
N SER C 127 -8.69 -0.99 -52.76
CA SER C 127 -8.98 -1.63 -51.48
C SER C 127 -10.45 -1.98 -51.32
N GLY C 128 -11.35 -1.08 -51.71
CA GLY C 128 -12.76 -1.28 -51.44
C GLY C 128 -13.16 -0.68 -50.11
N THR C 129 -12.17 -0.21 -49.37
CA THR C 129 -12.41 0.52 -48.13
C THR C 129 -12.43 2.01 -48.47
N ALA C 130 -12.49 2.86 -47.46
CA ALA C 130 -12.45 4.30 -47.68
C ALA C 130 -12.05 4.99 -46.38
N SER C 131 -11.47 6.18 -46.52
CA SER C 131 -11.02 6.95 -45.37
C SER C 131 -10.97 8.41 -45.75
N VAL C 132 -11.47 9.27 -44.87
CA VAL C 132 -11.56 10.70 -45.13
C VAL C 132 -10.69 11.43 -44.12
N VAL C 133 -9.58 12.01 -44.60
CA VAL C 133 -8.66 12.73 -43.75
C VAL C 133 -8.82 14.23 -44.02
N CYS C 134 -9.01 14.98 -42.94
CA CYS C 134 -9.04 16.44 -43.02
C CYS C 134 -8.14 17.03 -41.95
N LEU C 135 -7.07 17.68 -42.39
CA LEU C 135 -6.12 18.25 -41.47
C LEU C 135 -6.66 19.54 -40.86
N LEU C 136 -6.19 19.84 -39.65
CA LEU C 136 -6.29 21.17 -39.08
C LEU C 136 -4.95 21.48 -38.41
N ASN C 137 -4.31 22.53 -38.89
CA ASN C 137 -2.87 22.69 -38.72
C ASN C 137 -2.58 23.93 -37.88
N ASN C 138 -1.66 23.78 -36.93
CA ASN C 138 -1.02 24.88 -36.23
C ASN C 138 -2.03 25.75 -35.50
N PHE C 139 -2.64 25.16 -34.48
CA PHE C 139 -3.71 25.82 -33.73
C PHE C 139 -3.36 25.77 -32.24
N TYR C 140 -4.34 26.17 -31.44
CA TYR C 140 -4.29 26.17 -29.98
C TYR C 140 -5.67 26.56 -29.48
N PRO C 141 -6.13 26.09 -28.31
CA PRO C 141 -5.56 25.12 -27.37
C PRO C 141 -6.00 23.67 -27.62
N ARG C 142 -5.86 22.85 -26.57
CA ARG C 142 -6.13 21.42 -26.68
C ARG C 142 -7.56 21.14 -27.13
N GLU C 143 -8.50 22.00 -26.79
CA GLU C 143 -9.90 21.76 -27.10
C GLU C 143 -10.11 21.83 -28.61
N ALA C 144 -10.66 20.75 -29.17
CA ALA C 144 -11.03 20.70 -30.57
C ALA C 144 -12.07 19.61 -30.75
N LYS C 145 -13.30 20.01 -31.06
CA LYS C 145 -14.45 19.09 -31.13
C LYS C 145 -14.83 18.95 -32.59
N VAL C 146 -14.18 18.00 -33.27
CA VAL C 146 -14.37 17.79 -34.70
C VAL C 146 -15.35 16.64 -34.89
N GLN C 147 -16.36 16.85 -35.72
CA GLN C 147 -17.34 15.83 -36.06
C GLN C 147 -17.56 15.86 -37.57
N TRP C 148 -18.40 14.95 -38.04
CA TRP C 148 -18.58 14.78 -39.48
C TRP C 148 -20.05 14.81 -39.89
N LYS C 149 -20.29 14.81 -41.19
CA LYS C 149 -21.65 14.76 -41.72
C LYS C 149 -21.66 13.84 -42.93
N VAL C 150 -22.76 13.09 -43.09
CA VAL C 150 -22.94 12.26 -44.27
C VAL C 150 -24.02 12.90 -45.13
N ASP C 151 -23.61 13.86 -45.96
CA ASP C 151 -24.45 14.72 -46.76
C ASP C 151 -25.36 15.57 -45.87
N ASN C 152 -25.64 15.07 -44.66
CA ASN C 152 -26.16 15.87 -43.55
C ASN C 152 -25.69 15.29 -42.23
N ALA C 153 -25.37 13.99 -42.23
CA ALA C 153 -25.59 13.17 -41.05
C ALA C 153 -24.33 13.03 -40.20
N LEU C 154 -24.45 13.43 -38.93
CA LEU C 154 -23.39 13.21 -37.95
C LEU C 154 -23.12 11.72 -37.80
N GLN C 155 -22.02 11.41 -37.12
CA GLN C 155 -21.60 10.02 -36.96
C GLN C 155 -21.76 9.57 -35.50
N SER C 156 -21.88 8.26 -35.33
CA SER C 156 -21.79 7.65 -34.01
C SER C 156 -20.59 6.71 -34.00
N GLY C 157 -20.51 5.84 -35.01
CA GLY C 157 -19.29 5.13 -35.32
C GLY C 157 -18.46 5.93 -36.30
N ASN C 158 -17.33 5.34 -36.71
CA ASN C 158 -16.39 6.00 -37.60
C ASN C 158 -15.91 7.33 -37.02
N SER C 159 -16.03 7.48 -35.71
CA SER C 159 -15.62 8.70 -35.04
C SER C 159 -14.38 8.50 -34.18
N GLN C 160 -13.89 7.26 -34.08
CA GLN C 160 -12.86 6.90 -33.12
C GLN C 160 -11.46 7.24 -33.61
N GLU C 161 -11.33 8.02 -34.68
CA GLU C 161 -10.04 8.39 -35.24
C GLU C 161 -9.46 9.64 -34.61
N SER C 162 -9.90 10.00 -33.40
CA SER C 162 -9.53 11.28 -32.80
C SER C 162 -8.08 11.21 -32.32
N VAL C 163 -7.13 11.39 -33.23
CA VAL C 163 -5.75 11.66 -32.86
C VAL C 163 -5.76 12.98 -32.10
N THR C 164 -4.86 13.12 -31.14
CA THR C 164 -4.97 14.22 -30.18
C THR C 164 -3.67 15.03 -30.21
N GLU C 165 -3.56 15.94 -29.25
CA GLU C 165 -2.57 17.00 -29.29
C GLU C 165 -1.15 16.49 -29.16
N GLN C 166 -0.22 17.36 -29.53
CA GLN C 166 1.22 17.24 -29.33
C GLN C 166 1.69 18.58 -28.76
N ASP C 167 3.00 18.82 -28.77
CA ASP C 167 3.47 20.19 -28.62
C ASP C 167 4.72 20.39 -29.46
N SER C 168 4.98 21.65 -29.80
CA SER C 168 5.96 21.99 -30.82
C SER C 168 7.01 22.94 -30.27
N LYS C 169 7.92 23.36 -31.14
CA LYS C 169 8.88 24.41 -30.86
C LYS C 169 8.15 25.68 -30.43
N ASP C 170 7.28 26.18 -31.29
CA ASP C 170 6.59 27.43 -31.01
C ASP C 170 5.29 27.22 -30.24
N SER C 171 5.18 26.11 -29.50
CA SER C 171 4.06 25.84 -28.60
C SER C 171 2.72 25.81 -29.33
N THR C 172 2.69 25.19 -30.51
CA THR C 172 1.44 25.08 -31.25
C THR C 172 0.92 23.65 -31.19
N TYR C 173 -0.32 23.47 -31.61
CA TYR C 173 -0.99 22.18 -31.65
C TYR C 173 -1.36 21.88 -33.10
N SER C 174 -1.29 20.61 -33.48
CA SER C 174 -1.73 20.20 -34.83
C SER C 174 -2.15 18.73 -34.75
N LEU C 175 -3.47 18.51 -34.64
CA LEU C 175 -3.98 17.14 -34.58
C LEU C 175 -4.43 16.67 -35.96
N SER C 176 -4.95 15.45 -36.03
CA SER C 176 -5.45 14.87 -37.28
C SER C 176 -6.66 14.00 -36.99
N SER C 177 -7.58 13.95 -37.94
CA SER C 177 -8.77 13.12 -37.78
C SER C 177 -9.14 12.48 -39.12
N THR C 178 -9.41 11.17 -39.10
CA THR C 178 -9.65 10.42 -40.33
C THR C 178 -11.02 9.76 -40.22
N LEU C 179 -11.35 8.96 -41.23
CA LEU C 179 -12.55 8.13 -41.22
C LEU C 179 -12.17 6.75 -41.70
N THR C 180 -13.13 5.82 -41.62
CA THR C 180 -12.90 4.51 -42.19
C THR C 180 -14.25 3.88 -42.52
N LEU C 181 -14.44 3.56 -43.80
CA LEU C 181 -15.67 2.93 -44.26
C LEU C 181 -15.35 2.13 -45.51
N SER C 182 -16.24 1.21 -45.88
CA SER C 182 -16.08 0.45 -47.10
C SER C 182 -16.60 1.24 -48.30
N LYS C 183 -16.08 0.91 -49.48
CA LYS C 183 -16.43 1.68 -50.67
C LYS C 183 -17.93 1.75 -50.88
N ALA C 184 -18.66 0.70 -50.49
CA ALA C 184 -20.12 0.78 -50.51
C ALA C 184 -20.60 1.90 -49.60
N ASP C 185 -20.12 1.93 -48.36
CA ASP C 185 -20.55 2.95 -47.42
C ASP C 185 -20.09 4.34 -47.84
N TYR C 186 -19.08 4.44 -48.70
CA TYR C 186 -18.52 5.73 -49.06
C TYR C 186 -19.18 6.28 -50.32
N GLU C 187 -19.10 5.54 -51.42
CA GLU C 187 -19.77 5.95 -52.64
C GLU C 187 -21.29 5.90 -52.53
N LYS C 188 -21.83 5.24 -51.50
CA LYS C 188 -23.26 5.27 -51.27
C LYS C 188 -23.78 6.66 -50.98
N HIS C 189 -22.90 7.63 -50.71
CA HIS C 189 -23.31 9.00 -50.44
C HIS C 189 -22.26 9.92 -51.07
N LYS C 190 -22.63 11.20 -51.20
CA LYS C 190 -21.88 12.11 -52.06
C LYS C 190 -20.87 12.99 -51.31
N VAL C 191 -21.32 13.77 -50.35
CA VAL C 191 -20.52 14.86 -49.81
C VAL C 191 -20.43 14.73 -48.29
N TYR C 192 -19.22 14.62 -47.77
CA TYR C 192 -18.96 14.65 -46.34
C TYR C 192 -18.25 15.94 -45.99
N ALA C 193 -18.11 16.19 -44.69
CA ALA C 193 -17.48 17.42 -44.22
C ALA C 193 -16.93 17.18 -42.83
N CYS C 194 -16.13 18.14 -42.36
CA CYS C 194 -15.54 18.11 -41.03
C CYS C 194 -16.12 19.25 -40.21
N GLU C 195 -16.93 18.91 -39.21
CA GLU C 195 -17.54 19.89 -38.34
C GLU C 195 -16.55 20.33 -37.26
N VAL C 196 -15.72 21.32 -37.55
CA VAL C 196 -14.71 21.80 -36.60
C VAL C 196 -15.32 22.95 -35.81
N THR C 197 -15.40 22.78 -34.49
CA THR C 197 -15.97 23.77 -33.59
C THR C 197 -14.91 24.09 -32.53
N HIS C 198 -14.06 25.07 -32.85
CA HIS C 198 -12.94 25.41 -31.97
C HIS C 198 -13.42 26.44 -30.95
N GLN C 199 -13.38 26.05 -29.67
CA GLN C 199 -13.90 26.92 -28.61
C GLN C 199 -13.24 28.29 -28.63
N GLY C 200 -11.97 28.35 -29.02
CA GLY C 200 -11.33 29.63 -29.21
C GLY C 200 -12.00 30.44 -30.31
N LEU C 201 -12.14 29.83 -31.49
CA LEU C 201 -12.79 30.52 -32.60
C LEU C 201 -14.26 30.79 -32.31
N SER C 202 -14.94 29.83 -31.67
CA SER C 202 -16.32 29.95 -31.22
C SER C 202 -17.30 30.22 -32.36
N SER C 203 -16.88 30.10 -33.61
CA SER C 203 -17.77 30.24 -34.74
C SER C 203 -17.60 29.03 -35.65
N PRO C 204 -18.58 28.12 -35.73
CA PRO C 204 -18.41 26.90 -36.52
C PRO C 204 -18.10 27.15 -37.99
N VAL C 205 -16.90 26.73 -38.41
CA VAL C 205 -16.49 26.81 -39.80
C VAL C 205 -16.35 25.37 -40.30
N THR C 206 -16.41 25.20 -41.62
CA THR C 206 -16.26 23.88 -42.20
C THR C 206 -15.93 24.00 -43.68
N LYS C 207 -14.81 23.42 -44.06
CA LYS C 207 -14.52 23.12 -45.46
C LYS C 207 -15.09 21.75 -45.79
N SER C 208 -15.54 21.58 -47.03
CA SER C 208 -16.01 20.28 -47.46
C SER C 208 -15.31 19.86 -48.75
N PHE C 209 -15.67 18.71 -49.30
CA PHE C 209 -15.05 18.19 -50.50
C PHE C 209 -16.14 17.68 -51.43
N ASN C 210 -15.76 17.37 -52.67
CA ASN C 210 -16.70 16.96 -53.70
C ASN C 210 -16.25 15.61 -54.25
N ARG C 211 -17.06 14.58 -54.04
CA ARG C 211 -16.74 13.26 -54.55
C ARG C 211 -16.62 13.32 -56.07
N GLY C 212 -15.40 13.14 -56.57
CA GLY C 212 -15.14 13.41 -57.97
C GLY C 212 -14.71 14.85 -58.16
N GLU C 213 -13.79 15.31 -57.32
CA GLU C 213 -13.33 16.70 -57.31
C GLU C 213 -12.60 17.08 -58.59
N CYS C 214 -12.43 16.16 -59.53
CA CYS C 214 -11.92 16.46 -60.86
C CYS C 214 -12.68 17.63 -61.49
#